data_7KJ6
#
_entry.id   7KJ6
#
_cell.length_a   63.160
_cell.length_b   75.050
_cell.length_c   108.530
_cell.angle_alpha   90.000
_cell.angle_beta   99.462
_cell.angle_gamma   90.000
#
_symmetry.space_group_name_H-M   'P 1 21 1'
#
loop_
_entity.id
_entity.type
_entity.pdbx_description
1 polymer 'Ankyrin repeat-containing protein'
2 non-polymer 2-AMINO-2-HYDROXYMETHYL-PROPANE-1,3-DIOL
3 non-polymer DI(HYDROXYETHYL)ETHER
4 non-polymer 'CHLORIDE ION'
5 water water
#
_entity_poly.entity_id   1
_entity_poly.type   'polypeptide(L)'
_entity_poly.pdbx_seq_one_letter_code
;SNALTPPPDSKISTTDKSLDKLSAPLD(MSE)LKQ(MSE)NEST(MSE)EQTKLDELRKK(MSE)SLQAEILNKAKADND
(MSE)FFRLLIEL(MSE)SLKLQGELFKEQLSKISKESGYDSAQSALIQATNSEGQSPLQYALQKQDFSTAKYFLDNGAK
AGPIEKAVFEIALDSKAAKEFGFPPLPPEKEKLHPVKNFGLVLGIKTTSVDGTPSQFGHIAPTYQL(MSE)TDSVSHFAK
SHPGNKNFQEIANAFQFSNEASAFKFSTPQRNPEAGNDLARRIQGGELTTIPVSCKGHA(MSE)GLSYVPDGPGSKSGYL
VYTNRGLGAKSSEHGTHIFRIEDSSKITPEFINN(MSE)TSGHSNGASHDEI(MSE)SQIKAAAGNKEPIHHIKQKGQKN
DNCTIANSKSNIEGILLCQKAREVGGFDKLTESD(MSE)DSVKKEYKEFTKH(MSE)RVEKVNELAKALKENPQDPDLNN
LTKEYLKQHPNADPKLKQTLETALKQASESS(MSE)TLSQPGKTI
;
_entity_poly.pdbx_strand_id   A,B
#
loop_
_chem_comp.id
_chem_comp.type
_chem_comp.name
_chem_comp.formula
CL non-polymer 'CHLORIDE ION' 'Cl -1'
PEG non-polymer DI(HYDROXYETHYL)ETHER 'C4 H10 O3'
TRS non-polymer 2-AMINO-2-HYDROXYMETHYL-PROPANE-1,3-DIOL 'C4 H12 N O3 1'
#
# COMPACT_ATOMS: atom_id res chain seq x y z
N LYS A 21 -30.40 -12.39 -7.84
CA LYS A 21 -30.23 -12.01 -9.23
C LYS A 21 -29.32 -10.78 -9.31
N LEU A 22 -29.72 -9.83 -10.16
CA LEU A 22 -29.06 -8.55 -10.31
C LEU A 22 -29.94 -7.40 -9.87
N SER A 23 -31.23 -7.65 -9.60
CA SER A 23 -32.15 -6.54 -9.32
C SER A 23 -31.90 -5.93 -7.94
N ALA A 24 -31.64 -6.76 -6.93
CA ALA A 24 -31.55 -6.21 -5.57
C ALA A 24 -30.43 -5.19 -5.43
N PRO A 25 -29.16 -5.49 -5.81
CA PRO A 25 -28.11 -4.48 -5.66
C PRO A 25 -28.32 -3.25 -6.52
N LEU A 26 -28.78 -3.43 -7.76
CA LEU A 26 -28.97 -2.28 -8.63
C LEU A 26 -30.07 -1.37 -8.09
N ASP A 27 -31.18 -1.95 -7.64
CA ASP A 27 -32.25 -1.17 -7.03
C ASP A 27 -31.76 -0.46 -5.78
N MSE A 28 -30.94 -1.14 -4.98
N MSE A 28 -30.94 -1.14 -4.98
CA MSE A 28 -30.39 -0.56 -3.76
CA MSE A 28 -30.39 -0.56 -3.76
C MSE A 28 -29.52 0.66 -4.05
C MSE A 28 -29.52 0.66 -4.05
O MSE A 28 -29.66 1.72 -3.42
O MSE A 28 -29.67 1.71 -3.42
CB MSE A 28 -29.60 -1.61 -3.00
CB MSE A 28 -29.58 -1.62 -3.01
CG MSE A 28 -28.84 -1.07 -1.80
CG MSE A 28 -29.78 -1.61 -1.51
SE MSE A 28 -29.52 -1.83 -0.14
SE MSE A 28 -29.09 0.01 -0.71
CE MSE A 28 -28.45 -0.79 1.11
CE MSE A 28 -28.51 -0.70 1.01
N LEU A 29 -28.62 0.51 -5.03
CA LEU A 29 -27.76 1.61 -5.42
C LEU A 29 -28.56 2.78 -5.96
N LYS A 30 -29.52 2.50 -6.85
CA LYS A 30 -30.36 3.57 -7.38
C LYS A 30 -31.12 4.28 -6.26
N GLN A 31 -31.68 3.52 -5.32
CA GLN A 31 -32.46 4.15 -4.25
C GLN A 31 -31.57 4.99 -3.35
N MSE A 32 -30.35 4.54 -3.11
CA MSE A 32 -29.47 5.31 -2.24
C MSE A 32 -28.93 6.55 -2.93
O MSE A 32 -28.63 7.54 -2.28
CB MSE A 32 -28.34 4.42 -1.73
CG MSE A 32 -28.94 3.29 -0.97
SE MSE A 32 -28.22 3.06 0.78
CE MSE A 32 -28.69 4.71 1.56
N ASN A 33 -28.82 6.49 -4.26
CA ASN A 33 -28.43 7.69 -4.99
C ASN A 33 -29.58 8.69 -5.05
N GLU A 34 -30.80 8.19 -5.28
CA GLU A 34 -31.97 9.06 -5.33
C GLU A 34 -32.28 9.68 -3.97
N SER A 35 -32.00 8.98 -2.88
CA SER A 35 -32.28 9.46 -1.53
C SER A 35 -31.14 10.28 -0.96
N THR A 36 -30.16 10.67 -1.78
CA THR A 36 -29.00 11.40 -1.27
C THR A 36 -29.34 12.88 -1.10
N MSE A 37 -28.99 13.43 0.05
CA MSE A 37 -29.14 14.86 0.31
C MSE A 37 -27.91 15.47 0.95
O MSE A 37 -27.09 14.75 1.54
CB MSE A 37 -30.32 15.18 1.24
CG MSE A 37 -31.69 14.62 0.86
SE MSE A 37 -32.67 14.17 2.49
CE MSE A 37 -33.73 15.75 2.73
N GLU A 38 -27.79 16.78 0.85
CA GLU A 38 -26.79 17.49 1.64
C GLU A 38 -27.22 17.50 3.11
N GLN A 39 -26.25 17.77 3.98
CA GLN A 39 -26.50 17.73 5.41
C GLN A 39 -27.55 18.77 5.81
N THR A 40 -27.51 19.95 5.20
CA THR A 40 -28.43 21.01 5.59
C THR A 40 -29.86 20.69 5.17
N LYS A 41 -30.03 20.05 4.02
CA LYS A 41 -31.37 19.67 3.58
C LYS A 41 -31.98 18.62 4.50
N LEU A 42 -31.16 17.68 4.98
CA LEU A 42 -31.67 16.65 5.88
C LEU A 42 -31.96 17.24 7.25
N ASP A 43 -31.13 18.17 7.71
CA ASP A 43 -31.41 18.87 8.96
C ASP A 43 -32.71 19.67 8.86
N GLU A 44 -32.92 20.34 7.73
CA GLU A 44 -34.15 21.13 7.53
C GLU A 44 -35.37 20.22 7.50
N LEU A 45 -35.24 19.05 6.86
CA LEU A 45 -36.36 18.11 6.83
C LEU A 45 -36.66 17.57 8.23
N ARG A 46 -35.61 17.28 9.01
CA ARG A 46 -35.82 16.83 10.39
C ARG A 46 -36.50 17.93 11.22
N LYS A 47 -36.10 19.18 11.02
CA LYS A 47 -36.74 20.29 11.72
C LYS A 47 -38.21 20.41 11.32
N LYS A 48 -38.51 20.20 10.04
CA LYS A 48 -39.89 20.23 9.58
C LYS A 48 -40.72 19.17 10.30
N MSE A 49 -40.22 17.93 10.36
CA MSE A 49 -40.98 16.88 11.03
C MSE A 49 -41.06 17.08 12.53
O MSE A 49 -42.04 16.67 13.17
CB MSE A 49 -40.41 15.50 10.75
CG MSE A 49 -41.29 14.78 9.77
SE MSE A 49 -40.32 13.33 8.99
CE MSE A 49 -38.99 14.44 8.19
N SER A 50 -40.06 17.75 13.10
CA SER A 50 -40.14 18.15 14.49
C SER A 50 -41.26 19.16 14.69
N LEU A 51 -41.39 20.11 13.76
CA LEU A 51 -42.47 21.09 13.85
C LEU A 51 -43.82 20.40 13.78
N GLN A 52 -43.96 19.42 12.89
CA GLN A 52 -45.23 18.70 12.79
C GLN A 52 -45.53 17.91 14.06
N ALA A 53 -44.51 17.24 14.62
CA ALA A 53 -44.72 16.52 15.87
C ALA A 53 -45.11 17.46 17.00
N GLU A 54 -44.53 18.66 17.03
CA GLU A 54 -44.88 19.59 18.10
C GLU A 54 -46.29 20.15 17.92
N ILE A 55 -46.71 20.41 16.68
CA ILE A 55 -48.08 20.85 16.45
C ILE A 55 -49.07 19.76 16.85
N LEU A 56 -48.71 18.49 16.67
CA LEU A 56 -49.64 17.44 17.07
C LEU A 56 -49.75 17.32 18.59
N ASN A 57 -48.69 17.71 19.31
CA ASN A 57 -48.72 17.77 20.77
C ASN A 57 -49.02 16.41 21.41
N LYS A 58 -48.47 15.33 20.83
CA LYS A 58 -48.70 14.01 21.38
C LYS A 58 -47.57 13.57 22.31
N ALA A 59 -47.36 12.26 22.42
CA ALA A 59 -46.31 11.74 23.28
C ALA A 59 -44.94 11.97 22.66
N LYS A 60 -43.95 12.25 23.50
CA LYS A 60 -42.63 12.57 23.01
C LYS A 60 -41.90 11.31 22.56
N ALA A 61 -41.13 11.44 21.49
CA ALA A 61 -40.47 10.28 20.91
C ALA A 61 -39.38 9.75 21.83
N ASP A 62 -39.24 8.43 21.85
CA ASP A 62 -38.19 7.75 22.61
C ASP A 62 -37.27 7.05 21.61
N ASN A 63 -36.07 7.60 21.42
CA ASN A 63 -35.15 7.06 20.43
C ASN A 63 -34.56 5.73 20.88
N ASP A 64 -34.14 5.65 22.14
CA ASP A 64 -33.52 4.42 22.63
C ASP A 64 -34.48 3.25 22.53
N MSE A 65 -35.72 3.46 22.93
CA MSE A 65 -36.76 2.46 22.83
C MSE A 65 -36.98 2.02 21.38
O MSE A 65 -37.08 0.83 21.08
CB MSE A 65 -38.05 3.00 23.40
CG MSE A 65 -39.18 2.03 23.38
SE MSE A 65 -40.66 2.70 24.41
CE MSE A 65 -42.05 2.05 23.25
N PHE A 66 -37.11 3.03 20.51
CA PHE A 66 -37.32 2.75 19.10
C PHE A 66 -36.20 1.89 18.53
N PHE A 67 -34.95 2.17 18.92
CA PHE A 67 -33.85 1.36 18.41
C PHE A 67 -33.86 -0.04 19.02
N ARG A 68 -34.29 -0.17 20.29
CA ARG A 68 -34.44 -1.49 20.88
C ARG A 68 -35.42 -2.33 20.08
N LEU A 69 -36.61 -1.78 19.80
CA LEU A 69 -37.58 -2.53 19.01
C LEU A 69 -37.16 -2.68 17.56
N LEU A 70 -36.30 -1.78 17.05
CA LEU A 70 -35.78 -1.94 15.69
C LEU A 70 -34.85 -3.14 15.60
N ILE A 71 -33.95 -3.27 16.57
CA ILE A 71 -33.05 -4.42 16.59
C ILE A 71 -33.86 -5.70 16.80
N GLU A 72 -34.84 -5.66 17.70
CA GLU A 72 -35.69 -6.82 17.91
C GLU A 72 -36.45 -7.20 16.65
N LEU A 73 -36.90 -6.21 15.88
CA LEU A 73 -37.63 -6.47 14.64
C LEU A 73 -36.71 -7.02 13.57
N MSE A 74 -35.52 -6.44 13.41
CA MSE A 74 -34.58 -6.95 12.41
C MSE A 74 -34.18 -8.39 12.71
O MSE A 74 -33.95 -9.17 11.80
CB MSE A 74 -33.32 -6.08 12.26
CG MSE A 74 -33.56 -4.63 11.93
SE MSE A 74 -32.17 -3.43 12.60
CE MSE A 74 -30.92 -3.48 11.13
N SER A 75 -34.12 -8.74 13.99
CA SER A 75 -33.79 -10.13 14.33
C SER A 75 -34.84 -11.12 13.86
N LEU A 76 -36.08 -10.67 13.64
CA LEU A 76 -37.14 -11.58 13.22
C LEU A 76 -36.99 -12.01 11.77
N LYS A 77 -36.24 -11.27 10.96
CA LYS A 77 -36.01 -11.55 9.56
C LYS A 77 -37.34 -11.73 8.81
N LEU A 78 -38.09 -10.64 8.77
CA LEU A 78 -39.41 -10.65 8.15
C LEU A 78 -39.35 -10.11 6.72
N GLN A 79 -40.34 -10.49 5.94
CA GLN A 79 -40.41 -10.08 4.55
C GLN A 79 -40.92 -8.65 4.46
N GLY A 80 -41.06 -8.16 3.23
CA GLY A 80 -41.50 -6.80 2.95
C GLY A 80 -42.72 -6.26 3.65
N GLU A 81 -43.88 -6.89 3.43
CA GLU A 81 -45.13 -6.41 4.03
C GLU A 81 -45.12 -6.52 5.56
N LEU A 82 -44.80 -7.71 6.08
CA LEU A 82 -44.61 -7.87 7.53
C LEU A 82 -43.61 -6.86 8.11
N PHE A 83 -42.47 -6.67 7.44
CA PHE A 83 -41.50 -5.71 7.96
C PHE A 83 -42.06 -4.31 7.98
N LYS A 84 -42.80 -3.92 6.93
CA LYS A 84 -43.31 -2.56 6.87
C LYS A 84 -44.38 -2.34 7.93
N GLU A 85 -45.25 -3.33 8.14
CA GLU A 85 -46.31 -3.17 9.13
C GLU A 85 -45.73 -3.09 10.53
N GLN A 86 -44.76 -3.96 10.83
CA GLN A 86 -44.14 -3.91 12.16
C GLN A 86 -43.26 -2.68 12.33
N LEU A 87 -42.67 -2.19 11.24
CA LEU A 87 -41.89 -0.96 11.32
C LEU A 87 -42.77 0.19 11.73
N SER A 88 -43.94 0.31 11.09
CA SER A 88 -44.82 1.40 11.46
C SER A 88 -45.41 1.18 12.85
N LYS A 89 -45.66 -0.07 13.23
CA LYS A 89 -46.14 -0.37 14.57
C LYS A 89 -45.15 0.08 15.64
N ILE A 90 -43.89 -0.31 15.49
CA ILE A 90 -42.89 0.03 16.50
C ILE A 90 -42.56 1.52 16.46
N SER A 91 -42.76 2.18 15.30
CA SER A 91 -42.52 3.61 15.26
C SER A 91 -43.62 4.36 16.01
N LYS A 92 -44.87 3.91 15.88
CA LYS A 92 -45.93 4.49 16.69
C LYS A 92 -45.76 4.15 18.16
N GLU A 93 -45.21 2.97 18.48
CA GLU A 93 -45.02 2.61 19.87
C GLU A 93 -44.03 3.52 20.59
N SER A 94 -43.08 4.06 19.86
CA SER A 94 -42.02 4.86 20.46
C SER A 94 -42.31 6.35 20.35
N GLY A 95 -43.53 6.73 19.99
CA GLY A 95 -43.92 8.12 19.98
C GLY A 95 -43.64 8.87 18.71
N TYR A 96 -43.61 8.19 17.56
CA TYR A 96 -43.42 8.83 16.27
C TYR A 96 -44.72 8.75 15.47
N ASP A 97 -44.98 9.79 14.67
CA ASP A 97 -46.16 9.81 13.81
C ASP A 97 -46.20 8.57 12.93
N SER A 98 -45.15 8.33 12.18
CA SER A 98 -45.11 7.31 11.14
C SER A 98 -43.75 6.65 11.17
N ALA A 99 -43.61 5.59 10.37
CA ALA A 99 -42.29 5.01 10.17
C ALA A 99 -41.33 5.99 9.52
N GLN A 100 -41.83 6.83 8.61
CA GLN A 100 -40.94 7.74 7.90
C GLN A 100 -40.34 8.78 8.84
N SER A 101 -41.16 9.37 9.70
CA SER A 101 -40.65 10.36 10.65
C SER A 101 -39.64 9.74 11.59
N ALA A 102 -39.87 8.51 12.01
CA ALA A 102 -38.92 7.81 12.86
C ALA A 102 -37.59 7.59 12.13
N LEU A 103 -37.65 7.04 10.91
CA LEU A 103 -36.42 6.79 10.16
C LEU A 103 -35.65 8.07 9.91
N ILE A 104 -36.35 9.20 9.80
CA ILE A 104 -35.65 10.45 9.52
C ILE A 104 -35.13 11.12 10.79
N GLN A 105 -35.81 10.95 11.92
CA GLN A 105 -35.42 11.68 13.11
C GLN A 105 -34.68 10.84 14.15
N ALA A 106 -34.89 9.53 14.19
CA ALA A 106 -34.36 8.72 15.28
C ALA A 106 -32.84 8.63 15.21
N THR A 107 -32.24 8.47 16.38
CA THR A 107 -30.79 8.40 16.51
C THR A 107 -30.45 7.70 17.82
N ASN A 108 -29.59 6.70 17.74
CA ASN A 108 -29.21 5.96 18.94
C ASN A 108 -28.10 6.71 19.68
N SER A 109 -27.61 6.10 20.77
CA SER A 109 -26.60 6.75 21.60
C SER A 109 -25.28 6.96 20.85
N GLU A 110 -25.01 6.14 19.85
CA GLU A 110 -23.79 6.32 19.05
C GLU A 110 -23.94 7.43 18.02
N GLY A 111 -25.16 7.93 17.80
CA GLY A 111 -25.38 8.96 16.81
C GLY A 111 -25.75 8.46 15.43
N GLN A 112 -26.04 7.17 15.29
CA GLN A 112 -26.36 6.58 14.00
C GLN A 112 -27.84 6.72 13.71
N SER A 113 -28.16 7.02 12.46
CA SER A 113 -29.53 6.88 12.01
C SER A 113 -29.84 5.39 11.84
N PRO A 114 -31.12 5.03 11.76
CA PRO A 114 -31.44 3.61 11.49
C PRO A 114 -30.80 3.10 10.21
N LEU A 115 -30.84 3.89 9.13
CA LEU A 115 -30.20 3.47 7.88
C LEU A 115 -28.70 3.32 8.08
N GLN A 116 -28.08 4.26 8.80
CA GLN A 116 -26.65 4.15 9.07
C GLN A 116 -26.34 2.91 9.90
N TYR A 117 -27.16 2.64 10.93
CA TYR A 117 -26.97 1.44 11.73
C TYR A 117 -27.07 0.18 10.87
N ALA A 118 -28.07 0.12 9.98
CA ALA A 118 -28.24 -1.07 9.15
C ALA A 118 -27.09 -1.21 8.16
N LEU A 119 -26.58 -0.10 7.63
CA LEU A 119 -25.48 -0.17 6.67
C LEU A 119 -24.20 -0.62 7.36
N GLN A 120 -23.90 -0.05 8.52
N GLN A 120 -23.90 -0.04 8.53
CA GLN A 120 -22.71 -0.45 9.26
CA GLN A 120 -22.72 -0.44 9.27
C GLN A 120 -22.78 -1.91 9.69
C GLN A 120 -22.79 -1.91 9.66
N LYS A 121 -23.98 -2.41 9.98
CA LYS A 121 -24.16 -3.83 10.27
C LYS A 121 -24.10 -4.69 9.01
N GLN A 122 -23.91 -4.09 7.83
CA GLN A 122 -23.90 -4.80 6.56
C GLN A 122 -25.19 -5.57 6.35
N ASP A 123 -26.29 -5.04 6.88
CA ASP A 123 -27.63 -5.58 6.68
C ASP A 123 -28.28 -4.82 5.54
N PHE A 124 -27.94 -5.24 4.31
CA PHE A 124 -28.34 -4.49 3.13
C PHE A 124 -29.83 -4.65 2.84
N SER A 125 -30.41 -5.80 3.19
CA SER A 125 -31.85 -5.98 3.00
C SER A 125 -32.64 -5.04 3.90
N THR A 126 -32.23 -4.93 5.17
CA THR A 126 -32.91 -4.02 6.08
C THR A 126 -32.73 -2.57 5.64
N ALA A 127 -31.53 -2.22 5.15
CA ALA A 127 -31.31 -0.86 4.69
C ALA A 127 -32.17 -0.54 3.48
N LYS A 128 -32.34 -1.52 2.58
CA LYS A 128 -33.24 -1.33 1.44
C LYS A 128 -34.67 -1.10 1.91
N TYR A 129 -35.12 -1.91 2.88
CA TYR A 129 -36.46 -1.69 3.44
C TYR A 129 -36.58 -0.31 4.07
N PHE A 130 -35.52 0.15 4.74
CA PHE A 130 -35.53 1.48 5.32
C PHE A 130 -35.70 2.56 4.24
N LEU A 131 -35.00 2.40 3.12
CA LEU A 131 -35.19 3.35 2.02
C LEU A 131 -36.59 3.26 1.44
N ASP A 132 -37.19 2.07 1.45
CA ASP A 132 -38.57 1.94 0.98
C ASP A 132 -39.52 2.74 1.86
N ASN A 133 -39.22 2.86 3.15
CA ASN A 133 -40.08 3.55 4.11
C ASN A 133 -39.69 5.00 4.32
N GLY A 134 -38.84 5.56 3.47
CA GLY A 134 -38.55 6.98 3.50
C GLY A 134 -37.29 7.40 4.24
N ALA A 135 -36.39 6.48 4.54
CA ALA A 135 -35.09 6.87 5.11
C ALA A 135 -34.26 7.58 4.05
N LYS A 136 -33.58 8.65 4.45
CA LYS A 136 -32.78 9.48 3.56
C LYS A 136 -31.28 9.24 3.76
N ALA A 137 -30.51 9.68 2.78
CA ALA A 137 -29.07 9.40 2.72
C ALA A 137 -28.27 10.69 2.81
N GLY A 138 -27.89 11.05 4.03
CA GLY A 138 -26.96 12.12 4.23
C GLY A 138 -25.53 11.69 3.95
N PRO A 139 -24.61 12.65 4.04
CA PRO A 139 -23.19 12.32 3.80
C PRO A 139 -22.66 11.21 4.70
N ILE A 140 -23.11 11.16 5.96
CA ILE A 140 -22.65 10.11 6.86
C ILE A 140 -23.15 8.75 6.40
N GLU A 141 -24.43 8.67 6.04
CA GLU A 141 -24.98 7.40 5.56
C GLU A 141 -24.26 6.94 4.29
N LYS A 142 -23.93 7.89 3.41
CA LYS A 142 -23.21 7.55 2.18
C LYS A 142 -21.80 7.06 2.49
N ALA A 143 -21.12 7.71 3.44
CA ALA A 143 -19.77 7.28 3.80
C ALA A 143 -19.77 5.89 4.43
N VAL A 144 -20.71 5.63 5.33
CA VAL A 144 -20.82 4.31 5.95
C VAL A 144 -21.18 3.26 4.91
N PHE A 145 -22.02 3.62 3.94
CA PHE A 145 -22.33 2.67 2.87
C PHE A 145 -21.08 2.36 2.07
N GLU A 146 -20.28 3.38 1.76
CA GLU A 146 -19.09 3.16 0.95
C GLU A 146 -18.10 2.27 1.70
N ILE A 147 -18.00 2.44 3.02
CA ILE A 147 -17.13 1.56 3.79
C ILE A 147 -17.66 0.14 3.80
N ALA A 148 -18.99 -0.01 3.96
CA ALA A 148 -19.60 -1.34 4.01
C ALA A 148 -19.58 -2.06 2.67
N LEU A 149 -19.41 -1.33 1.54
CA LEU A 149 -19.45 -2.03 0.27
C LEU A 149 -18.14 -2.71 -0.08
N ASP A 150 -17.11 -2.50 0.73
CA ASP A 150 -15.92 -3.30 0.69
C ASP A 150 -16.02 -4.33 1.81
N SER A 151 -16.77 -5.39 1.53
CA SER A 151 -16.96 -6.47 2.48
C SER A 151 -17.45 -7.68 1.73
N LYS A 152 -17.24 -8.85 2.33
CA LYS A 152 -17.76 -10.09 1.76
C LYS A 152 -19.27 -10.02 1.63
N ALA A 153 -19.94 -9.45 2.63
CA ALA A 153 -21.41 -9.35 2.59
C ALA A 153 -21.88 -8.50 1.42
N ALA A 154 -21.15 -7.41 1.12
CA ALA A 154 -21.51 -6.59 -0.03
C ALA A 154 -21.32 -7.33 -1.33
N LYS A 155 -20.38 -8.27 -1.38
CA LYS A 155 -20.14 -9.02 -2.60
C LYS A 155 -21.18 -10.13 -2.79
N GLU A 156 -21.53 -10.82 -1.70
CA GLU A 156 -22.59 -11.82 -1.78
C GLU A 156 -23.93 -11.18 -2.09
N PHE A 157 -24.15 -9.93 -1.70
CA PHE A 157 -25.40 -9.26 -2.03
C PHE A 157 -25.50 -8.95 -3.53
N GLY A 158 -24.38 -8.94 -4.24
CA GLY A 158 -24.38 -8.65 -5.66
C GLY A 158 -23.78 -7.33 -6.06
N PHE A 159 -23.21 -6.58 -5.12
CA PHE A 159 -22.62 -5.31 -5.45
C PHE A 159 -21.33 -5.49 -6.25
N PRO A 160 -21.01 -4.57 -7.14
CA PRO A 160 -19.70 -4.60 -7.80
C PRO A 160 -18.64 -4.09 -6.85
N PRO A 161 -17.36 -4.32 -7.15
CA PRO A 161 -16.31 -3.72 -6.32
C PRO A 161 -16.36 -2.20 -6.42
N LEU A 162 -15.80 -1.57 -5.39
CA LEU A 162 -15.70 -0.12 -5.40
C LEU A 162 -14.78 0.31 -6.54
N PRO A 163 -15.05 1.44 -7.18
CA PRO A 163 -14.17 1.92 -8.24
C PRO A 163 -12.82 2.31 -7.67
N PRO A 164 -11.73 2.05 -8.40
CA PRO A 164 -10.39 2.34 -7.86
C PRO A 164 -10.15 3.81 -7.57
N GLU A 165 -10.87 4.70 -8.27
CA GLU A 165 -10.74 6.14 -8.02
C GLU A 165 -11.01 6.50 -6.56
N LYS A 166 -11.80 5.69 -5.86
CA LYS A 166 -12.17 5.98 -4.49
C LYS A 166 -11.15 5.51 -3.46
N GLU A 167 -10.07 4.86 -3.89
CA GLU A 167 -9.10 4.39 -2.90
C GLU A 167 -8.30 5.53 -2.27
N LYS A 168 -8.09 6.62 -3.01
CA LYS A 168 -7.26 7.72 -2.53
C LYS A 168 -7.96 8.44 -1.38
N LEU A 169 -7.18 8.88 -0.40
CA LEU A 169 -7.73 9.59 0.74
C LEU A 169 -8.21 10.98 0.33
N HIS A 170 -9.50 11.22 0.46
CA HIS A 170 -10.08 12.52 0.13
C HIS A 170 -9.40 13.60 0.97
N PRO A 171 -9.09 14.76 0.38
CA PRO A 171 -8.42 15.82 1.17
C PRO A 171 -9.14 16.19 2.46
N VAL A 172 -10.48 16.31 2.44
CA VAL A 172 -11.20 16.63 3.67
C VAL A 172 -10.98 15.53 4.71
N LYS A 173 -10.96 14.27 4.27
CA LYS A 173 -10.66 13.19 5.21
C LYS A 173 -9.22 13.27 5.70
N ASN A 174 -8.29 13.48 4.77
CA ASN A 174 -6.87 13.55 5.12
C ASN A 174 -6.62 14.60 6.20
N PHE A 175 -7.29 15.74 6.10
CA PHE A 175 -7.03 16.79 7.08
C PHE A 175 -7.92 16.67 8.31
N GLY A 176 -9.18 16.26 8.16
CA GLY A 176 -10.08 16.22 9.29
C GLY A 176 -9.79 15.05 10.22
N LEU A 177 -9.42 13.90 9.66
CA LEU A 177 -9.14 12.76 10.53
C LEU A 177 -7.91 13.02 11.38
N VAL A 178 -6.98 13.83 10.89
CA VAL A 178 -5.75 14.09 11.66
C VAL A 178 -5.90 15.28 12.59
N LEU A 179 -6.44 16.40 12.08
CA LEU A 179 -6.57 17.61 12.86
C LEU A 179 -7.89 17.72 13.61
N GLY A 180 -8.79 16.75 13.44
CA GLY A 180 -10.07 16.78 14.11
C GLY A 180 -10.97 17.86 13.57
N ILE A 181 -11.07 17.95 12.25
CA ILE A 181 -11.87 18.97 11.58
C ILE A 181 -13.14 18.31 11.07
N LYS A 182 -14.28 18.68 11.64
CA LYS A 182 -15.56 18.15 11.20
C LYS A 182 -16.11 19.07 10.12
N THR A 183 -16.15 18.57 8.88
CA THR A 183 -16.69 19.32 7.76
C THR A 183 -17.01 18.34 6.64
N THR A 184 -17.61 18.86 5.57
CA THR A 184 -18.01 18.08 4.41
C THR A 184 -17.50 18.77 3.15
N SER A 185 -17.04 17.96 2.20
CA SER A 185 -16.53 18.52 0.96
C SER A 185 -17.67 19.06 0.09
N VAL A 186 -17.29 19.85 -0.91
CA VAL A 186 -18.29 20.39 -1.83
C VAL A 186 -18.91 19.26 -2.62
N ASP A 187 -18.19 18.16 -2.83
CA ASP A 187 -18.76 17.00 -3.50
C ASP A 187 -19.56 16.11 -2.56
N GLY A 188 -19.71 16.50 -1.29
CA GLY A 188 -20.52 15.75 -0.35
C GLY A 188 -19.78 14.74 0.49
N THR A 189 -18.46 14.68 0.41
CA THR A 189 -17.69 13.71 1.20
C THR A 189 -17.44 14.24 2.59
N PRO A 190 -17.88 13.55 3.64
CA PRO A 190 -17.64 14.03 5.00
C PRO A 190 -16.21 13.78 5.46
N SER A 191 -15.79 14.55 6.47
CA SER A 191 -14.48 14.35 7.07
C SER A 191 -14.39 13.03 7.82
N GLN A 192 -15.51 12.50 8.30
CA GLN A 192 -15.51 11.29 9.12
C GLN A 192 -15.63 10.03 8.25
N PHE A 193 -15.19 8.91 8.84
CA PHE A 193 -15.22 7.57 8.25
C PHE A 193 -14.24 7.40 7.10
N GLY A 194 -13.42 6.35 7.16
CA GLY A 194 -12.45 6.12 6.10
C GLY A 194 -12.05 4.67 6.01
N HIS A 195 -11.48 4.33 4.86
CA HIS A 195 -11.02 2.97 4.66
C HIS A 195 -9.71 2.74 5.40
N ILE A 196 -9.39 1.47 5.64
CA ILE A 196 -8.22 1.14 6.45
C ILE A 196 -6.93 1.41 5.68
N ALA A 197 -6.91 1.14 4.38
CA ALA A 197 -5.66 1.19 3.62
C ALA A 197 -5.03 2.58 3.61
N PRO A 198 -5.69 3.64 3.10
CA PRO A 198 -5.03 4.95 3.09
C PRO A 198 -4.78 5.53 4.47
N THR A 199 -5.68 5.31 5.44
CA THR A 199 -5.49 5.88 6.76
C THR A 199 -4.35 5.19 7.51
N TYR A 200 -4.26 3.86 7.38
CA TYR A 200 -3.14 3.17 8.00
C TYR A 200 -1.83 3.53 7.28
N GLN A 201 -1.87 3.76 5.97
CA GLN A 201 -0.69 4.27 5.28
C GLN A 201 -0.28 5.62 5.84
N LEU A 202 -1.27 6.49 6.11
CA LEU A 202 -0.98 7.79 6.68
C LEU A 202 -0.33 7.66 8.05
N MSE A 203 -0.84 6.73 8.86
CA MSE A 203 -0.27 6.50 10.20
C MSE A 203 1.16 5.99 10.13
O MSE A 203 2.03 6.46 10.89
CB MSE A 203 -1.13 5.52 10.99
CG MSE A 203 -2.40 6.16 11.53
SE MSE A 203 -1.98 7.52 12.87
CE MSE A 203 -0.87 6.46 14.07
N THR A 204 1.42 5.05 9.23
CA THR A 204 2.78 4.57 9.02
C THR A 204 3.70 5.72 8.59
N ASP A 205 3.23 6.55 7.66
CA ASP A 205 4.03 7.68 7.22
C ASP A 205 4.31 8.64 8.35
N SER A 206 3.31 8.89 9.20
CA SER A 206 3.48 9.86 10.28
C SER A 206 4.44 9.35 11.34
N VAL A 207 4.33 8.06 11.69
CA VAL A 207 5.25 7.50 12.67
C VAL A 207 6.66 7.48 12.11
N SER A 208 6.82 7.17 10.82
CA SER A 208 8.16 7.18 10.23
C SER A 208 8.73 8.58 10.10
N HIS A 209 7.88 9.58 9.84
CA HIS A 209 8.35 10.96 9.80
C HIS A 209 8.82 11.42 11.17
N PHE A 210 8.07 11.08 12.22
CA PHE A 210 8.53 11.41 13.56
C PHE A 210 9.83 10.69 13.89
N ALA A 211 9.96 9.45 13.40
CA ALA A 211 11.18 8.70 13.67
C ALA A 211 12.39 9.30 12.96
N LYS A 212 12.23 9.69 11.69
CA LYS A 212 13.33 10.31 10.96
C LYS A 212 13.68 11.68 11.53
N SER A 213 12.69 12.40 12.07
CA SER A 213 12.98 13.70 12.66
C SER A 213 13.63 13.60 14.03
N HIS A 214 13.48 12.47 14.71
CA HIS A 214 14.13 12.20 16.00
C HIS A 214 14.80 10.83 15.94
N PRO A 215 15.88 10.70 15.17
CA PRO A 215 16.53 9.38 15.03
C PRO A 215 17.13 8.82 16.30
N GLY A 216 17.32 9.66 17.33
CA GLY A 216 17.81 9.19 18.61
C GLY A 216 16.75 8.63 19.55
N ASN A 217 15.48 8.71 19.17
CA ASN A 217 14.39 8.14 19.97
C ASN A 217 14.25 6.67 19.62
N LYS A 218 14.78 5.80 20.47
CA LYS A 218 14.75 4.37 20.18
C LYS A 218 13.32 3.83 20.17
N ASN A 219 12.49 4.30 21.09
CA ASN A 219 11.09 3.86 21.15
C ASN A 219 10.42 4.04 19.80
N PHE A 220 10.60 5.21 19.18
CA PHE A 220 9.91 5.47 17.93
C PHE A 220 10.60 4.86 16.73
N GLN A 221 11.91 4.57 16.81
CA GLN A 221 12.51 3.70 15.80
C GLN A 221 11.80 2.35 15.79
N GLU A 222 11.64 1.76 16.98
CA GLU A 222 10.93 0.48 17.08
C GLU A 222 9.49 0.59 16.60
N ILE A 223 8.79 1.66 16.99
CA ILE A 223 7.39 1.82 16.62
C ILE A 223 7.24 2.00 15.11
N ALA A 224 8.11 2.81 14.50
CA ALA A 224 8.05 3.02 13.05
C ALA A 224 8.36 1.74 12.31
N ASN A 225 9.32 0.95 12.82
CA ASN A 225 9.62 -0.33 12.18
C ASN A 225 8.42 -1.27 12.24
N ALA A 226 7.76 -1.35 13.40
CA ALA A 226 6.59 -2.21 13.52
C ALA A 226 5.46 -1.76 12.60
N PHE A 227 5.22 -0.45 12.56
CA PHE A 227 4.16 0.08 11.69
C PHE A 227 4.45 -0.23 10.23
N GLN A 228 5.69 0.01 9.78
CA GLN A 228 6.04 -0.29 8.41
C GLN A 228 5.86 -1.77 8.12
N PHE A 229 6.34 -2.62 9.03
CA PHE A 229 6.21 -4.06 8.82
C PHE A 229 4.76 -4.46 8.62
N SER A 230 3.88 -4.04 9.52
CA SER A 230 2.51 -4.53 9.40
C SER A 230 1.75 -3.84 8.28
N ASN A 231 2.11 -2.60 7.94
CA ASN A 231 1.51 -1.96 6.78
C ASN A 231 1.86 -2.70 5.50
N GLU A 232 3.12 -3.15 5.40
CA GLU A 232 3.55 -3.88 4.21
C GLU A 232 2.97 -5.29 4.20
N ALA A 233 2.86 -5.93 5.36
CA ALA A 233 2.37 -7.30 5.41
C ALA A 233 0.86 -7.39 5.19
N SER A 234 0.09 -6.48 5.79
CA SER A 234 -1.36 -6.58 5.75
C SER A 234 -1.89 -6.38 4.34
N ALA A 235 -1.24 -5.54 3.55
CA ALA A 235 -1.61 -5.31 2.16
C ALA A 235 -3.10 -5.00 2.04
N PHE A 236 -3.49 -3.87 2.62
CA PHE A 236 -4.90 -3.48 2.61
C PHE A 236 -5.23 -2.84 1.27
N LYS A 237 -6.33 -3.30 0.66
CA LYS A 237 -6.97 -2.60 -0.44
C LYS A 237 -8.37 -2.18 0.05
N PHE A 238 -8.64 -0.87 0.01
CA PHE A 238 -9.80 -0.30 0.69
C PHE A 238 -9.79 -0.70 2.15
N SER A 239 -10.69 -1.63 2.53
CA SER A 239 -10.76 -2.09 3.91
C SER A 239 -10.62 -3.60 4.02
N THR A 240 -9.99 -4.24 3.02
CA THR A 240 -9.82 -5.68 2.99
C THR A 240 -8.35 -6.04 2.83
N PRO A 241 -7.79 -6.86 3.72
CA PRO A 241 -6.39 -7.29 3.54
C PRO A 241 -6.29 -8.29 2.39
N GLN A 242 -5.24 -8.13 1.59
CA GLN A 242 -5.07 -8.90 0.36
C GLN A 242 -4.03 -10.01 0.49
N ARG A 243 -3.55 -10.31 1.69
CA ARG A 243 -2.53 -11.33 1.90
C ARG A 243 -2.96 -12.31 2.98
N ASN A 244 -4.25 -12.51 3.13
N ASN A 244 -4.25 -12.57 3.09
CA ASN A 244 -4.56 -13.51 4.14
CA ASN A 244 -4.79 -13.56 4.01
C ASN A 244 -4.51 -14.90 3.51
C ASN A 244 -4.56 -14.97 3.45
N PRO A 245 -3.97 -15.90 4.23
CA PRO A 245 -3.50 -15.77 5.61
C PRO A 245 -2.01 -15.60 5.78
N GLU A 246 -1.30 -15.19 4.73
CA GLU A 246 0.15 -15.05 4.82
C GLU A 246 0.53 -13.94 5.80
N ALA A 247 -0.21 -12.82 5.79
CA ALA A 247 0.11 -11.72 6.69
C ALA A 247 -0.03 -12.15 8.14
N GLY A 248 -1.00 -13.00 8.44
CA GLY A 248 -1.13 -13.53 9.78
C GLY A 248 0.10 -14.33 10.21
N ASN A 249 0.61 -15.16 9.31
CA ASN A 249 1.81 -15.93 9.60
C ASN A 249 3.01 -15.01 9.81
N ASP A 250 3.17 -14.01 8.94
CA ASP A 250 4.29 -13.07 9.10
C ASP A 250 4.22 -12.36 10.45
N LEU A 251 3.04 -11.85 10.81
CA LEU A 251 2.91 -11.11 12.06
C LEU A 251 3.10 -12.02 13.27
N ALA A 252 2.58 -13.25 13.20
CA ALA A 252 2.75 -14.19 14.31
C ALA A 252 4.22 -14.59 14.48
N ARG A 253 4.92 -14.81 13.37
CA ARG A 253 6.34 -15.15 13.45
C ARG A 253 7.16 -13.97 13.98
N ARG A 254 6.80 -12.74 13.60
CA ARG A 254 7.46 -11.59 14.18
C ARG A 254 7.18 -11.47 15.67
N ILE A 255 5.96 -11.84 16.10
CA ILE A 255 5.62 -11.72 17.52
C ILE A 255 6.38 -12.77 18.32
N GLN A 256 6.49 -13.99 17.80
CA GLN A 256 7.24 -15.01 18.54
C GLN A 256 8.74 -14.82 18.42
N GLY A 257 9.21 -14.02 17.47
CA GLY A 257 10.60 -13.64 17.45
C GLY A 257 10.97 -12.58 18.46
N GLY A 258 9.97 -12.01 19.13
CA GLY A 258 10.24 -11.01 20.16
C GLY A 258 10.36 -9.58 19.65
N GLU A 259 9.61 -9.21 18.63
CA GLU A 259 9.67 -7.86 18.06
C GLU A 259 8.32 -7.17 18.21
N LEU A 260 8.37 -5.85 18.36
CA LEU A 260 7.15 -5.04 18.40
C LEU A 260 6.35 -5.23 17.12
N THR A 261 5.07 -5.52 17.27
CA THR A 261 4.22 -5.81 16.13
C THR A 261 2.86 -5.17 16.31
N THR A 262 2.51 -4.26 15.40
CA THR A 262 1.17 -3.72 15.36
C THR A 262 0.24 -4.67 14.61
N ILE A 263 -1.02 -4.69 15.02
CA ILE A 263 -2.02 -5.57 14.44
C ILE A 263 -3.21 -4.73 13.99
N PRO A 264 -3.40 -4.52 12.69
CA PRO A 264 -4.61 -3.83 12.22
C PRO A 264 -5.83 -4.65 12.59
N VAL A 265 -6.75 -4.03 13.33
CA VAL A 265 -7.90 -4.73 13.89
C VAL A 265 -9.16 -3.95 13.54
N SER A 266 -10.20 -4.67 13.12
CA SER A 266 -11.46 -4.02 12.78
C SER A 266 -12.62 -4.97 13.06
N CYS A 267 -13.82 -4.38 13.17
CA CYS A 267 -15.04 -5.19 13.09
C CYS A 267 -15.89 -4.51 12.02
N LYS A 268 -17.12 -4.99 11.84
CA LYS A 268 -18.02 -4.38 10.87
C LYS A 268 -18.11 -2.87 11.02
N GLY A 269 -17.48 -2.15 10.09
CA GLY A 269 -17.59 -0.71 10.02
C GLY A 269 -16.87 0.05 11.10
N HIS A 270 -16.03 -0.60 11.89
CA HIS A 270 -15.30 0.06 12.96
C HIS A 270 -13.87 -0.46 13.00
N ALA A 271 -12.94 0.45 13.26
CA ALA A 271 -11.52 0.12 13.35
C ALA A 271 -11.04 0.44 14.76
N MSE A 272 -10.29 -0.48 15.33
CA MSE A 272 -9.69 -0.25 16.63
C MSE A 272 -8.16 -0.25 16.53
O MSE A 272 -7.60 -0.14 15.44
CB MSE A 272 -10.18 -1.28 17.66
CG MSE A 272 -11.70 -1.49 17.78
SE MSE A 272 -12.61 -2.50 16.40
CE MSE A 272 -12.62 -4.20 17.31
N GLY A 273 -7.50 -0.35 17.68
CA GLY A 273 -6.05 -0.42 17.72
C GLY A 273 -5.61 -1.66 18.49
N LEU A 274 -4.56 -2.30 18.00
CA LEU A 274 -4.03 -3.51 18.61
C LEU A 274 -2.55 -3.61 18.31
N SER A 275 -1.77 -3.95 19.33
CA SER A 275 -0.33 -4.12 19.12
C SER A 275 0.23 -5.05 20.19
N TYR A 276 1.41 -5.58 19.90
CA TYR A 276 2.13 -6.45 20.83
C TYR A 276 3.51 -5.88 21.11
N VAL A 277 3.82 -5.68 22.38
CA VAL A 277 5.09 -5.14 22.84
C VAL A 277 5.85 -6.26 23.54
N PRO A 278 6.94 -6.77 22.96
CA PRO A 278 7.66 -7.88 23.59
C PRO A 278 8.49 -7.43 24.79
N ASP A 279 8.79 -8.38 25.67
CA ASP A 279 9.70 -8.12 26.77
C ASP A 279 11.13 -7.91 26.29
N GLY A 280 11.48 -8.45 25.12
CA GLY A 280 12.79 -8.32 24.55
C GLY A 280 12.97 -9.22 23.36
N PRO A 281 14.12 -9.11 22.69
CA PRO A 281 14.37 -9.96 21.51
C PRO A 281 14.39 -11.43 21.91
N GLY A 282 13.67 -12.25 21.16
CA GLY A 282 13.56 -13.67 21.44
C GLY A 282 12.77 -14.02 22.68
N SER A 283 12.23 -13.05 23.39
CA SER A 283 11.39 -13.32 24.56
C SER A 283 10.12 -14.05 24.13
N LYS A 284 9.44 -14.63 25.12
CA LYS A 284 8.12 -15.20 24.93
C LYS A 284 7.03 -14.43 25.66
N SER A 285 7.37 -13.42 26.45
CA SER A 285 6.42 -12.62 27.19
C SER A 285 6.39 -11.20 26.66
N GLY A 286 5.34 -10.48 27.04
CA GLY A 286 5.17 -9.09 26.63
C GLY A 286 3.80 -8.57 27.01
N TYR A 287 3.28 -7.69 26.16
CA TYR A 287 2.02 -6.99 26.41
C TYR A 287 1.18 -6.95 25.14
N LEU A 288 -0.12 -7.14 25.32
CA LEU A 288 -1.11 -6.95 24.25
C LEU A 288 -1.87 -5.68 24.55
N VAL A 289 -1.75 -4.69 23.67
CA VAL A 289 -2.29 -3.36 23.88
C VAL A 289 -3.47 -3.18 22.94
N TYR A 290 -4.66 -3.00 23.50
CA TYR A 290 -5.89 -2.82 22.73
C TYR A 290 -6.46 -1.44 22.97
N THR A 291 -7.06 -0.85 21.94
CA THR A 291 -7.53 0.52 22.03
C THR A 291 -8.85 0.67 21.30
N ASN A 292 -9.85 1.20 22.00
CA ASN A 292 -11.11 1.60 21.38
C ASN A 292 -11.68 2.79 22.14
N ARG A 293 -11.84 3.90 21.43
N ARG A 293 -11.84 3.90 21.43
CA ARG A 293 -12.41 5.11 22.01
CA ARG A 293 -12.40 5.12 22.00
C ARG A 293 -13.74 5.49 21.36
C ARG A 293 -13.78 5.43 21.45
N GLY A 294 -14.30 4.60 20.54
CA GLY A 294 -15.58 4.86 19.89
C GLY A 294 -16.53 3.69 20.03
N LEU A 295 -17.22 3.40 18.93
CA LEU A 295 -18.33 2.44 18.96
C LEU A 295 -17.88 1.09 19.49
N GLY A 296 -18.73 0.52 20.36
CA GLY A 296 -18.49 -0.79 20.95
C GLY A 296 -17.97 -0.76 22.37
N ALA A 297 -17.33 0.34 22.77
CA ALA A 297 -16.75 0.48 24.09
C ALA A 297 -17.68 1.32 24.98
N LYS A 298 -17.76 0.94 26.26
CA LYS A 298 -18.50 1.76 27.21
C LYS A 298 -17.74 3.05 27.48
N SER A 299 -18.49 4.08 27.91
CA SER A 299 -17.89 5.39 28.14
C SER A 299 -16.76 5.33 29.16
N SER A 300 -16.87 4.46 30.16
CA SER A 300 -15.83 4.37 31.18
C SER A 300 -14.60 3.62 30.69
N GLU A 301 -14.74 2.72 29.73
CA GLU A 301 -13.61 1.96 29.21
C GLU A 301 -13.00 2.58 27.96
N HIS A 302 -13.47 3.75 27.54
CA HIS A 302 -12.94 4.41 26.35
C HIS A 302 -11.44 4.62 26.50
N GLY A 303 -10.67 4.08 25.56
CA GLY A 303 -9.24 4.28 25.60
C GLY A 303 -8.44 3.02 25.36
N THR A 304 -7.34 2.86 26.09
CA THR A 304 -6.37 1.81 25.84
C THR A 304 -6.25 0.91 27.05
N HIS A 305 -6.29 -0.41 26.81
CA HIS A 305 -6.16 -1.41 27.87
C HIS A 305 -4.95 -2.27 27.56
N ILE A 306 -4.15 -2.54 28.59
CA ILE A 306 -2.92 -3.30 28.46
C ILE A 306 -3.10 -4.65 29.15
N PHE A 307 -2.99 -5.73 28.39
CA PHE A 307 -3.00 -7.08 28.92
C PHE A 307 -1.58 -7.60 29.01
N ARG A 308 -1.28 -8.33 30.07
CA ARG A 308 0.01 -8.98 30.24
C ARG A 308 -0.03 -10.33 29.53
N ILE A 309 0.85 -10.52 28.56
CA ILE A 309 0.92 -11.76 27.80
C ILE A 309 2.16 -12.49 28.30
N GLU A 310 1.98 -13.52 29.12
CA GLU A 310 3.17 -14.25 29.54
C GLU A 310 3.52 -15.40 28.62
N ASP A 311 2.69 -15.68 27.62
CA ASP A 311 3.04 -16.59 26.54
C ASP A 311 2.38 -16.07 25.27
N SER A 312 3.19 -15.56 24.35
CA SER A 312 2.69 -14.97 23.10
C SER A 312 2.19 -16.01 22.10
N SER A 313 2.34 -17.31 22.39
CA SER A 313 1.96 -18.33 21.43
C SER A 313 0.45 -18.47 21.26
N LYS A 314 -0.36 -17.90 22.16
CA LYS A 314 -1.79 -17.93 21.92
C LYS A 314 -2.24 -16.85 20.93
N ILE A 315 -1.35 -15.93 20.60
CA ILE A 315 -1.58 -14.98 19.52
C ILE A 315 -1.24 -15.67 18.20
N THR A 316 -2.20 -16.41 17.67
CA THR A 316 -1.96 -17.30 16.54
C THR A 316 -2.11 -16.57 15.21
N PRO A 317 -1.55 -17.14 14.13
CA PRO A 317 -1.76 -16.53 12.80
C PRO A 317 -3.24 -16.42 12.44
N GLU A 318 -4.05 -17.40 12.83
CA GLU A 318 -5.49 -17.33 12.59
C GLU A 318 -6.10 -16.14 13.32
N PHE A 319 -5.67 -15.91 14.56
CA PHE A 319 -6.17 -14.77 15.33
C PHE A 319 -5.84 -13.47 14.62
N ILE A 320 -4.59 -13.33 14.16
CA ILE A 320 -4.18 -12.10 13.49
C ILE A 320 -4.97 -11.90 12.20
N ASN A 321 -5.13 -12.98 11.43
CA ASN A 321 -5.89 -12.90 10.19
C ASN A 321 -7.34 -12.50 10.45
N ASN A 322 -7.92 -12.99 11.55
CA ASN A 322 -9.27 -12.60 11.89
C ASN A 322 -9.33 -11.12 12.25
N MSE A 323 -8.35 -10.66 13.01
CA MSE A 323 -8.33 -9.25 13.37
C MSE A 323 -8.26 -8.34 12.14
O MSE A 323 -9.03 -7.39 12.02
CB MSE A 323 -7.17 -8.92 14.31
CG MSE A 323 -7.16 -9.78 15.56
SE MSE A 323 -8.63 -9.25 16.70
CE MSE A 323 -9.83 -10.76 16.47
N THR A 324 -7.34 -8.64 11.22
CA THR A 324 -7.20 -7.80 10.04
C THR A 324 -8.44 -7.86 9.15
N SER A 325 -9.14 -9.00 9.13
CA SER A 325 -10.27 -9.20 8.24
C SER A 325 -11.61 -9.03 8.93
N GLY A 326 -11.61 -8.44 10.13
CA GLY A 326 -12.85 -8.34 10.90
C GLY A 326 -13.97 -7.66 10.14
N HIS A 327 -13.69 -6.47 9.59
CA HIS A 327 -14.72 -5.74 8.86
C HIS A 327 -15.17 -6.50 7.62
N SER A 328 -14.23 -7.00 6.83
CA SER A 328 -14.60 -7.61 5.56
C SER A 328 -15.29 -8.96 5.75
N ASN A 329 -14.88 -9.72 6.78
CA ASN A 329 -15.54 -10.98 7.11
C ASN A 329 -16.90 -10.78 7.76
N GLY A 330 -17.29 -9.54 8.06
CA GLY A 330 -18.55 -9.31 8.73
C GLY A 330 -18.55 -9.62 10.21
N ALA A 331 -17.38 -9.68 10.85
CA ALA A 331 -17.30 -9.99 12.27
C ALA A 331 -17.80 -8.81 13.11
N SER A 332 -18.53 -9.13 14.18
CA SER A 332 -19.06 -8.10 15.05
C SER A 332 -18.03 -7.70 16.10
N HIS A 333 -18.30 -6.58 16.79
CA HIS A 333 -17.39 -6.08 17.82
C HIS A 333 -17.14 -7.14 18.89
N ASP A 334 -18.20 -7.84 19.31
CA ASP A 334 -18.07 -8.79 20.41
C ASP A 334 -17.26 -10.01 20.02
N GLU A 335 -17.40 -10.50 18.79
CA GLU A 335 -16.58 -11.62 18.36
C GLU A 335 -15.10 -11.24 18.37
N ILE A 336 -14.78 -10.05 17.87
CA ILE A 336 -13.40 -9.57 17.85
C ILE A 336 -12.85 -9.44 19.27
N MSE A 337 -13.63 -8.80 20.16
CA MSE A 337 -13.15 -8.60 21.54
C MSE A 337 -13.02 -9.90 22.31
O MSE A 337 -12.13 -10.06 23.15
CB MSE A 337 -14.09 -7.66 22.32
CG MSE A 337 -13.45 -7.11 23.60
SE MSE A 337 -12.02 -5.86 23.28
CE MSE A 337 -10.54 -6.73 24.27
N SER A 338 -13.90 -10.87 22.03
CA SER A 338 -13.77 -12.20 22.61
C SER A 338 -12.47 -12.85 22.17
N GLN A 339 -12.16 -12.77 20.87
CA GLN A 339 -10.91 -13.34 20.40
C GLN A 339 -9.71 -12.65 21.06
N ILE A 340 -9.78 -11.33 21.23
CA ILE A 340 -8.66 -10.63 21.85
C ILE A 340 -8.52 -11.06 23.31
N LYS A 341 -9.62 -11.17 24.04
CA LYS A 341 -9.56 -11.60 25.43
C LYS A 341 -9.03 -13.01 25.55
N ALA A 342 -9.46 -13.92 24.66
CA ALA A 342 -8.97 -15.30 24.70
C ALA A 342 -7.47 -15.35 24.38
N ALA A 343 -7.01 -14.51 23.45
CA ALA A 343 -5.57 -14.47 23.17
C ALA A 343 -4.78 -13.99 24.37
N ALA A 344 -5.40 -13.24 25.27
CA ALA A 344 -4.76 -12.78 26.49
C ALA A 344 -5.06 -13.70 27.68
N GLY A 345 -5.49 -14.93 27.42
CA GLY A 345 -5.79 -15.86 28.49
C GLY A 345 -7.01 -15.52 29.30
N ASN A 346 -7.89 -14.65 28.78
CA ASN A 346 -9.11 -14.21 29.46
C ASN A 346 -8.81 -13.63 30.84
N LYS A 347 -7.66 -12.99 31.00
CA LYS A 347 -7.37 -12.23 32.20
C LYS A 347 -7.72 -10.76 32.00
N GLU A 348 -7.94 -10.08 33.11
CA GLU A 348 -8.30 -8.68 33.03
C GLU A 348 -7.07 -7.84 32.71
N PRO A 349 -7.26 -6.67 32.10
CA PRO A 349 -6.12 -5.78 31.83
C PRO A 349 -5.45 -5.36 33.13
N ILE A 350 -4.14 -5.17 33.06
CA ILE A 350 -3.40 -4.67 34.22
C ILE A 350 -3.39 -3.15 34.29
N HIS A 351 -3.69 -2.45 33.20
CA HIS A 351 -3.67 -1.01 33.19
C HIS A 351 -4.62 -0.47 32.13
N HIS A 352 -5.21 0.69 32.42
CA HIS A 352 -6.14 1.35 31.53
C HIS A 352 -5.76 2.82 31.42
N ILE A 353 -5.43 3.25 30.20
CA ILE A 353 -5.24 4.66 29.89
C ILE A 353 -6.56 5.18 29.35
N LYS A 354 -7.18 6.10 30.09
CA LYS A 354 -8.42 6.70 29.64
C LYS A 354 -8.12 7.72 28.56
N GLN A 355 -8.84 7.62 27.44
CA GLN A 355 -8.68 8.55 26.33
C GLN A 355 -10.07 8.96 25.84
N LYS A 356 -10.18 10.19 25.36
CA LYS A 356 -11.49 10.80 25.14
C LYS A 356 -12.29 10.03 24.09
N GLY A 357 -13.61 10.05 24.25
CA GLY A 357 -14.50 9.30 23.39
C GLY A 357 -14.72 9.95 22.03
N GLN A 358 -14.87 9.10 21.02
CA GLN A 358 -15.14 9.50 19.65
C GLN A 358 -16.44 8.85 19.18
N LYS A 359 -17.33 9.64 18.59
CA LYS A 359 -18.57 9.12 18.06
C LYS A 359 -18.74 9.55 16.60
N ASN A 360 -19.57 8.79 15.88
CA ASN A 360 -19.83 9.00 14.46
C ASN A 360 -18.55 9.10 13.64
N ASP A 361 -17.74 8.05 13.77
CA ASP A 361 -16.51 7.86 13.02
C ASP A 361 -15.96 6.47 13.32
N ASN A 362 -15.42 5.80 12.32
CA ASN A 362 -14.90 4.46 12.56
C ASN A 362 -13.49 4.46 13.14
N CYS A 363 -12.96 5.64 13.48
CA CYS A 363 -11.74 5.78 14.28
C CYS A 363 -10.53 5.12 13.62
N THR A 364 -10.41 5.29 12.30
CA THR A 364 -9.25 4.75 11.60
C THR A 364 -7.96 5.41 12.06
N ILE A 365 -8.02 6.66 12.51
CA ILE A 365 -6.85 7.35 13.02
C ILE A 365 -6.81 7.36 14.55
N ALA A 366 -7.96 7.65 15.18
CA ALA A 366 -8.00 7.86 16.62
C ALA A 366 -7.52 6.62 17.39
N ASN A 367 -8.02 5.44 17.01
CA ASN A 367 -7.70 4.24 17.78
C ASN A 367 -6.26 3.83 17.56
N SER A 368 -5.82 3.77 16.30
CA SER A 368 -4.43 3.37 16.03
C SER A 368 -3.44 4.39 16.57
N LYS A 369 -3.81 5.67 16.63
CA LYS A 369 -2.89 6.67 17.17
C LYS A 369 -2.80 6.56 18.68
N SER A 370 -3.95 6.51 19.36
CA SER A 370 -3.96 6.41 20.81
C SER A 370 -3.35 5.11 21.31
N ASN A 371 -3.35 4.07 20.47
CA ASN A 371 -2.66 2.82 20.81
C ASN A 371 -1.17 3.05 21.05
N ILE A 372 -0.57 4.04 20.37
CA ILE A 372 0.85 4.31 20.53
C ILE A 372 1.17 4.74 21.96
N GLU A 373 0.22 5.40 22.64
CA GLU A 373 0.44 5.76 24.04
C GLU A 373 0.63 4.51 24.89
N GLY A 374 -0.23 3.51 24.69
CA GLY A 374 -0.04 2.25 25.41
C GLY A 374 1.26 1.55 25.02
N ILE A 375 1.62 1.64 23.75
CA ILE A 375 2.89 1.06 23.31
C ILE A 375 4.05 1.68 24.08
N LEU A 376 4.06 3.01 24.19
CA LEU A 376 5.13 3.70 24.90
C LEU A 376 5.11 3.37 26.38
N LEU A 377 3.92 3.24 26.98
CA LEU A 377 3.83 2.86 28.38
C LEU A 377 4.45 1.48 28.60
N CYS A 378 4.22 0.56 27.66
CA CYS A 378 4.78 -0.77 27.81
C CYS A 378 6.29 -0.77 27.57
N GLN A 379 6.75 0.08 26.67
CA GLN A 379 8.20 0.21 26.47
C GLN A 379 8.88 0.76 27.73
N LYS A 380 8.25 1.73 28.38
CA LYS A 380 8.80 2.26 29.62
C LYS A 380 8.77 1.20 30.73
N ALA A 381 7.69 0.43 30.79
CA ALA A 381 7.60 -0.64 31.80
C ALA A 381 8.69 -1.67 31.59
N ARG A 382 8.99 -2.00 30.33
CA ARG A 382 10.11 -2.88 30.03
C ARG A 382 11.43 -2.23 30.44
N GLU A 383 11.54 -0.92 30.23
CA GLU A 383 12.77 -0.19 30.58
C GLU A 383 13.06 -0.27 32.07
N VAL A 384 12.04 -0.09 32.90
CA VAL A 384 12.26 -0.07 34.35
C VAL A 384 12.11 -1.45 34.99
N GLY A 385 11.91 -2.50 34.20
CA GLY A 385 11.89 -3.85 34.73
C GLY A 385 10.55 -4.37 35.17
N GLY A 386 9.44 -3.85 34.64
CA GLY A 386 8.13 -4.35 34.97
C GLY A 386 7.09 -3.28 35.28
N PHE A 387 5.81 -3.64 35.14
CA PHE A 387 4.73 -2.69 35.38
C PHE A 387 4.62 -2.30 36.85
N ASP A 388 4.90 -3.23 37.77
CA ASP A 388 4.81 -2.93 39.19
C ASP A 388 5.90 -1.97 39.64
N LYS A 389 6.94 -1.77 38.83
CA LYS A 389 8.04 -0.88 39.16
C LYS A 389 7.94 0.46 38.44
N LEU A 390 6.82 0.75 37.78
CA LEU A 390 6.61 2.03 37.13
C LEU A 390 6.33 3.09 38.18
N THR A 391 7.11 4.17 38.17
CA THR A 391 6.89 5.27 39.10
C THR A 391 6.03 6.35 38.43
N GLU A 392 5.67 7.38 39.20
CA GLU A 392 4.87 8.47 38.65
C GLU A 392 5.66 9.24 37.60
N SER A 393 6.96 9.47 37.85
CA SER A 393 7.77 10.18 36.87
C SER A 393 7.85 9.42 35.56
N ASP A 394 7.92 8.09 35.63
CA ASP A 394 7.95 7.26 34.42
C ASP A 394 6.71 7.47 33.57
N MSE A 395 5.53 7.37 34.18
CA MSE A 395 4.28 7.49 33.43
C MSE A 395 4.05 8.91 32.91
O MSE A 395 3.55 9.10 31.80
CB MSE A 395 3.11 7.04 34.28
CG MSE A 395 3.27 5.65 34.87
SE MSE A 395 1.56 4.83 35.28
CE MSE A 395 1.22 5.61 37.02
N ASP A 396 4.42 9.92 33.71
CA ASP A 396 4.27 11.29 33.22
C ASP A 396 5.21 11.58 32.06
N SER A 397 6.42 11.03 32.11
CA SER A 397 7.33 11.16 30.97
C SER A 397 6.77 10.44 29.74
N VAL A 398 6.14 9.27 29.96
CA VAL A 398 5.50 8.53 28.87
C VAL A 398 4.43 9.40 28.22
N LYS A 399 3.59 10.04 29.03
CA LYS A 399 2.49 10.80 28.46
C LYS A 399 2.99 12.07 27.78
N LYS A 400 4.07 12.68 28.27
CA LYS A 400 4.60 13.84 27.56
C LYS A 400 5.33 13.44 26.29
N GLU A 401 5.92 12.24 26.23
CA GLU A 401 6.49 11.77 24.97
C GLU A 401 5.40 11.52 23.94
N TYR A 402 4.30 10.89 24.36
CA TYR A 402 3.19 10.68 23.44
C TYR A 402 2.60 12.01 22.96
N LYS A 403 2.47 12.98 23.88
CA LYS A 403 1.93 14.28 23.49
C LYS A 403 2.89 15.03 22.58
N GLU A 404 4.21 14.82 22.75
CA GLU A 404 5.18 15.36 21.80
C GLU A 404 4.96 14.78 20.40
N PHE A 405 4.75 13.47 20.32
CA PHE A 405 4.47 12.86 19.02
C PHE A 405 3.20 13.42 18.38
N THR A 406 2.13 13.52 19.17
CA THR A 406 0.87 14.01 18.62
C THR A 406 0.98 15.47 18.20
N LYS A 407 1.74 16.27 18.95
CA LYS A 407 1.97 17.66 18.55
C LYS A 407 2.77 17.72 17.25
N HIS A 408 3.74 16.82 17.09
CA HIS A 408 4.49 16.76 15.84
C HIS A 408 3.56 16.47 14.66
N MSE A 409 2.70 15.47 14.80
CA MSE A 409 1.71 15.17 13.76
C MSE A 409 0.85 16.40 13.45
O MSE A 409 0.64 16.73 12.27
CB MSE A 409 0.79 14.02 14.18
CG MSE A 409 1.06 12.70 13.48
SE MSE A 409 -0.06 11.24 14.15
CE MSE A 409 -1.57 11.46 12.97
N ARG A 410 0.36 17.05 14.50
CA ARG A 410 -0.57 18.17 14.34
C ARG A 410 0.09 19.34 13.64
N VAL A 411 1.33 19.67 14.04
CA VAL A 411 2.05 20.77 13.40
C VAL A 411 2.33 20.44 11.94
N GLU A 412 2.75 19.20 11.65
CA GLU A 412 3.00 18.82 10.27
C GLU A 412 1.75 18.97 9.42
N LYS A 413 0.60 18.51 9.93
CA LYS A 413 -0.62 18.60 9.14
C LYS A 413 -1.06 20.06 8.96
N VAL A 414 -0.88 20.89 9.99
CA VAL A 414 -1.26 22.30 9.86
C VAL A 414 -0.40 23.00 8.81
N ASN A 415 0.90 22.71 8.81
CA ASN A 415 1.78 23.30 7.80
C ASN A 415 1.44 22.78 6.40
N GLU A 416 1.11 21.49 6.30
CA GLU A 416 0.71 20.93 5.01
C GLU A 416 -0.57 21.60 4.51
N LEU A 417 -1.54 21.81 5.40
CA LEU A 417 -2.78 22.45 5.00
C LEU A 417 -2.55 23.88 4.54
N ALA A 418 -1.71 24.63 5.27
CA ALA A 418 -1.38 25.99 4.86
C ALA A 418 -0.70 26.03 3.50
N LYS A 419 0.26 25.14 3.28
CA LYS A 419 0.97 25.11 1.99
C LYS A 419 0.01 24.77 0.85
N ALA A 420 -0.84 23.77 1.05
CA ALA A 420 -1.79 23.40 0.01
C ALA A 420 -2.79 24.52 -0.26
N LEU A 421 -3.21 25.23 0.78
CA LEU A 421 -4.12 26.36 0.59
C LEU A 421 -3.47 27.46 -0.23
N LYS A 422 -2.19 27.75 0.03
CA LYS A 422 -1.53 28.78 -0.79
C LYS A 422 -1.34 28.31 -2.22
N GLU A 423 -0.94 27.07 -2.43
CA GLU A 423 -0.73 26.55 -3.77
C GLU A 423 -2.03 26.20 -4.49
N ASN A 424 -3.17 26.43 -3.85
CA ASN A 424 -4.48 26.35 -4.51
C ASN A 424 -5.44 27.26 -3.76
N PRO A 425 -5.33 28.57 -3.96
CA PRO A 425 -6.03 29.52 -3.09
C PRO A 425 -7.53 29.62 -3.35
N GLN A 426 -8.04 29.12 -4.47
CA GLN A 426 -9.45 29.23 -4.78
C GLN A 426 -10.21 27.94 -4.50
N ASP A 427 -9.55 26.91 -3.99
CA ASP A 427 -10.22 25.64 -3.75
C ASP A 427 -11.21 25.79 -2.59
N PRO A 428 -12.47 25.41 -2.78
CA PRO A 428 -13.44 25.55 -1.68
C PRO A 428 -13.14 24.62 -0.52
N ASP A 429 -12.72 23.38 -0.79
CA ASP A 429 -12.50 22.43 0.28
C ASP A 429 -11.36 22.86 1.20
N LEU A 430 -10.24 23.31 0.63
CA LEU A 430 -9.11 23.71 1.46
C LEU A 430 -9.43 24.95 2.29
N ASN A 431 -10.07 25.95 1.67
CA ASN A 431 -10.46 27.15 2.41
C ASN A 431 -11.42 26.81 3.53
N ASN A 432 -12.41 25.97 3.25
CA ASN A 432 -13.38 25.60 4.27
C ASN A 432 -12.73 24.78 5.37
N LEU A 433 -11.77 23.92 5.01
CA LEU A 433 -11.05 23.14 6.01
C LEU A 433 -10.29 24.05 6.96
N THR A 434 -9.59 25.04 6.41
CA THR A 434 -8.82 25.96 7.25
C THR A 434 -9.73 26.79 8.14
N LYS A 435 -10.81 27.34 7.56
CA LYS A 435 -11.76 28.11 8.35
C LYS A 435 -12.35 27.26 9.46
N GLU A 436 -12.72 26.02 9.16
CA GLU A 436 -13.36 25.16 10.15
C GLU A 436 -12.36 24.70 11.20
N TYR A 437 -11.09 24.50 10.86
CA TYR A 437 -10.11 24.20 11.90
C TYR A 437 -9.94 25.38 12.83
N LEU A 438 -9.86 26.59 12.27
CA LEU A 438 -9.73 27.78 13.11
C LEU A 438 -10.95 27.93 14.01
N LYS A 439 -12.13 27.59 13.48
CA LYS A 439 -13.39 27.86 14.16
C LYS A 439 -13.75 26.78 15.19
N GLN A 440 -13.30 25.54 15.00
CA GLN A 440 -13.58 24.50 15.98
C GLN A 440 -12.41 24.20 16.92
N HIS A 441 -11.26 24.84 16.73
CA HIS A 441 -10.12 24.68 17.64
C HIS A 441 -9.58 26.07 18.03
N PRO A 442 -10.37 26.86 18.77
CA PRO A 442 -9.91 28.21 19.12
C PRO A 442 -8.80 28.21 20.15
N ASN A 443 -8.66 27.16 20.97
CA ASN A 443 -7.62 27.07 21.98
C ASN A 443 -6.41 26.30 21.50
N ALA A 444 -6.23 26.18 20.20
CA ALA A 444 -5.03 25.54 19.67
C ALA A 444 -3.82 26.45 19.93
N ASP A 445 -2.64 25.93 19.64
CA ASP A 445 -1.43 26.69 19.82
C ASP A 445 -1.47 27.94 18.93
N PRO A 446 -1.25 29.13 19.49
CA PRO A 446 -1.43 30.36 18.70
C PRO A 446 -0.55 30.47 17.45
N LYS A 447 0.55 29.70 17.35
CA LYS A 447 1.38 29.85 16.15
C LYS A 447 0.75 29.14 14.97
N LEU A 448 0.05 28.04 15.25
CA LEU A 448 -0.70 27.36 14.20
C LEU A 448 -1.94 28.15 13.81
N LYS A 449 -2.60 28.77 14.79
CA LYS A 449 -3.70 29.68 14.48
C LYS A 449 -3.21 30.79 13.55
N GLN A 450 -2.03 31.34 13.85
CA GLN A 450 -1.46 32.39 13.01
C GLN A 450 -1.09 31.86 11.62
N THR A 451 -0.47 30.68 11.56
CA THR A 451 -0.13 30.07 10.29
C THR A 451 -1.36 29.96 9.38
N LEU A 452 -2.46 29.45 9.93
CA LEU A 452 -3.63 29.25 9.10
C LEU A 452 -4.40 30.54 8.85
N GLU A 453 -4.30 31.53 9.74
CA GLU A 453 -4.89 32.84 9.44
C GLU A 453 -4.13 33.54 8.31
N THR A 454 -2.80 33.41 8.30
CA THR A 454 -2.02 34.01 7.21
C THR A 454 -2.24 33.25 5.91
N ALA A 455 -2.42 31.93 6.00
CA ALA A 455 -2.82 31.16 4.83
C ALA A 455 -4.16 31.62 4.29
N LEU A 456 -5.13 31.86 5.17
CA LEU A 456 -6.45 32.28 4.72
C LEU A 456 -6.41 33.65 4.04
N LYS A 457 -5.68 34.60 4.62
CA LYS A 457 -5.67 35.93 4.01
C LYS A 457 -4.86 35.94 2.72
N GLN A 458 -3.80 35.14 2.63
CA GLN A 458 -3.10 35.07 1.35
C GLN A 458 -4.00 34.42 0.31
N ALA A 459 -4.78 33.42 0.71
CA ALA A 459 -5.71 32.83 -0.22
C ALA A 459 -6.76 33.85 -0.70
N SER A 460 -7.25 34.79 0.12
CA SER A 460 -8.15 35.72 -0.57
C SER A 460 -7.35 36.71 -1.44
N GLU A 461 -6.11 37.01 -1.10
CA GLU A 461 -5.54 38.03 -1.95
C GLU A 461 -5.07 37.47 -3.28
N SER A 462 -5.90 36.63 -3.90
CA SER A 462 -5.78 36.23 -5.29
C SER A 462 -7.10 36.52 -5.99
N SER A 463 -7.71 37.63 -5.55
CA SER A 463 -8.96 38.17 -6.04
C SER A 463 -8.87 38.51 -7.53
N LYS B 21 31.13 16.74 -27.58
CA LYS B 21 30.24 15.87 -28.35
C LYS B 21 31.00 14.62 -28.83
N LEU B 22 32.33 14.73 -28.90
CA LEU B 22 33.18 13.58 -29.21
C LEU B 22 34.09 13.16 -28.06
N SER B 23 34.38 14.08 -27.13
CA SER B 23 35.10 13.82 -25.90
C SER B 23 34.16 13.36 -24.78
N ALA B 24 32.91 13.79 -24.83
CA ALA B 24 31.98 13.67 -23.70
C ALA B 24 31.83 12.25 -23.17
N PRO B 25 31.64 11.20 -24.00
CA PRO B 25 31.41 9.88 -23.40
C PRO B 25 32.53 9.40 -22.51
N LEU B 26 33.79 9.55 -22.93
CA LEU B 26 34.91 9.11 -22.11
C LEU B 26 35.00 9.95 -20.84
N ASP B 27 34.75 11.26 -20.95
CA ASP B 27 34.76 12.12 -19.76
C ASP B 27 33.71 11.66 -18.76
N MSE B 28 32.51 11.33 -19.23
CA MSE B 28 31.46 10.87 -18.35
C MSE B 28 31.81 9.54 -17.69
O MSE B 28 31.53 9.33 -16.51
CB MSE B 28 30.13 10.75 -19.08
CG MSE B 28 28.94 10.92 -18.15
SE MSE B 28 27.28 11.21 -19.09
CE MSE B 28 26.12 10.12 -18.00
N LEU B 29 32.39 8.64 -18.48
CA LEU B 29 32.85 7.37 -17.93
C LEU B 29 33.86 7.60 -16.80
N LYS B 30 34.86 8.45 -17.07
CA LYS B 30 35.88 8.77 -16.07
C LYS B 30 35.25 9.40 -14.84
N GLN B 31 34.26 10.28 -15.02
CA GLN B 31 33.62 10.93 -13.88
C GLN B 31 32.86 9.92 -13.04
N MSE B 32 32.11 9.03 -13.68
CA MSE B 32 31.36 7.97 -13.01
C MSE B 32 32.32 7.12 -12.18
O MSE B 32 32.04 6.79 -11.03
CB MSE B 32 30.62 7.11 -14.04
CG MSE B 32 29.34 6.42 -13.56
SE MSE B 32 27.98 7.56 -12.77
CE MSE B 32 27.22 8.37 -14.33
N ASN B 33 33.48 6.80 -12.77
CA ASN B 33 34.47 6.01 -12.03
C ASN B 33 35.02 6.80 -10.85
N GLU B 34 35.32 8.09 -11.06
CA GLU B 34 35.89 8.91 -10.00
C GLU B 34 34.90 9.09 -8.85
N SER B 35 33.62 9.26 -9.17
CA SER B 35 32.59 9.51 -8.19
C SER B 35 31.98 8.23 -7.64
N THR B 36 32.61 7.09 -7.88
CA THR B 36 32.07 5.81 -7.43
C THR B 36 32.41 5.59 -5.97
N MSE B 37 31.41 5.20 -5.18
CA MSE B 37 31.63 4.81 -3.79
C MSE B 37 30.80 3.58 -3.42
O MSE B 37 29.73 3.34 -3.98
CB MSE B 37 31.30 5.94 -2.81
CG MSE B 37 31.88 7.32 -3.16
SE MSE B 37 30.78 8.81 -2.59
CE MSE B 37 30.92 8.59 -0.69
N GLU B 38 31.30 2.81 -2.46
CA GLU B 38 30.50 1.75 -1.90
C GLU B 38 29.33 2.33 -1.11
N GLN B 39 28.33 1.48 -0.84
CA GLN B 39 27.09 1.97 -0.26
C GLN B 39 27.30 2.59 1.13
N THR B 40 28.15 2.00 1.97
CA THR B 40 28.33 2.53 3.33
C THR B 40 29.08 3.86 3.33
N LYS B 41 30.06 4.03 2.43
CA LYS B 41 30.75 5.31 2.35
C LYS B 41 29.79 6.42 1.91
N LEU B 42 28.86 6.09 0.99
CA LEU B 42 27.91 7.09 0.54
C LEU B 42 26.87 7.38 1.63
N ASP B 43 26.48 6.36 2.39
CA ASP B 43 25.60 6.59 3.53
C ASP B 43 26.27 7.49 4.57
N GLU B 44 27.55 7.24 4.85
CA GLU B 44 28.27 8.07 5.82
C GLU B 44 28.43 9.50 5.32
N LEU B 45 28.65 9.69 4.02
CA LEU B 45 28.72 11.04 3.48
C LEU B 45 27.36 11.73 3.58
N ARG B 46 26.27 11.01 3.30
CA ARG B 46 24.95 11.58 3.43
C ARG B 46 24.65 11.99 4.87
N LYS B 47 25.06 11.16 5.83
CA LYS B 47 24.89 11.50 7.25
C LYS B 47 25.74 12.71 7.62
N LYS B 48 26.97 12.79 7.10
CA LYS B 48 27.83 13.94 7.36
C LYS B 48 27.19 15.22 6.87
N MSE B 49 26.68 15.21 5.66
CA MSE B 49 26.03 16.41 5.12
C MSE B 49 24.70 16.71 5.79
O MSE B 49 24.31 17.86 5.87
CB MSE B 49 25.85 16.28 3.62
CG MSE B 49 27.14 15.96 2.93
SE MSE B 49 26.88 15.99 1.04
CE MSE B 49 26.91 17.91 0.75
N SER B 50 24.01 15.69 6.28
CA SER B 50 22.81 15.95 7.06
C SER B 50 23.17 16.69 8.35
N LEU B 51 24.22 16.25 9.03
CA LEU B 51 24.67 16.93 10.24
C LEU B 51 25.13 18.35 9.92
N GLN B 52 25.84 18.53 8.80
CA GLN B 52 26.26 19.88 8.42
C GLN B 52 25.07 20.77 8.12
N ALA B 53 24.04 20.23 7.45
CA ALA B 53 22.81 20.98 7.22
C ALA B 53 22.16 21.35 8.53
N GLU B 54 22.27 20.50 9.55
CA GLU B 54 21.75 20.84 10.86
C GLU B 54 22.55 21.95 11.52
N ILE B 55 23.86 21.98 11.28
CA ILE B 55 24.68 23.09 11.77
C ILE B 55 24.23 24.40 11.14
N LEU B 56 23.90 24.35 9.86
CA LEU B 56 23.37 25.50 9.13
C LEU B 56 21.91 25.79 9.42
N ASN B 57 21.18 24.82 9.99
CA ASN B 57 19.76 24.98 10.32
C ASN B 57 18.93 25.13 9.05
N LYS B 60 15.38 21.02 6.78
CA LYS B 60 13.97 21.08 6.43
C LYS B 60 13.77 20.91 4.92
N ALA B 61 14.55 20.01 4.33
CA ALA B 61 14.51 19.84 2.89
C ALA B 61 13.23 19.15 2.45
N ASP B 62 12.70 19.58 1.31
CA ASP B 62 11.50 19.00 0.71
C ASP B 62 11.91 18.31 -0.59
N ASN B 63 11.92 16.97 -0.57
CA ASN B 63 12.42 16.21 -1.71
C ASN B 63 11.45 16.26 -2.89
N ASP B 64 10.14 16.11 -2.61
CA ASP B 64 9.16 16.09 -3.68
C ASP B 64 9.15 17.41 -4.46
N MSE B 65 9.23 18.53 -3.76
CA MSE B 65 9.23 19.84 -4.41
C MSE B 65 10.48 19.99 -5.27
O MSE B 65 10.43 20.49 -6.41
CB MSE B 65 9.14 20.95 -3.36
CG MSE B 65 9.06 22.38 -3.92
SE MSE B 65 10.08 23.73 -2.91
CE MSE B 65 9.03 23.77 -1.28
N PHE B 66 11.61 19.53 -4.72
CA PHE B 66 12.87 19.60 -5.46
C PHE B 66 12.80 18.78 -6.74
N PHE B 67 12.24 17.57 -6.67
CA PHE B 67 12.16 16.75 -7.87
C PHE B 67 11.15 17.30 -8.87
N ARG B 68 10.06 17.91 -8.41
CA ARG B 68 9.13 18.57 -9.32
C ARG B 68 9.83 19.69 -10.08
N LEU B 69 10.50 20.58 -9.36
CA LEU B 69 11.19 21.68 -10.04
C LEU B 69 12.39 21.18 -10.83
N LEU B 70 12.96 20.05 -10.45
CA LEU B 70 14.04 19.47 -11.24
C LEU B 70 13.53 18.95 -12.58
N ILE B 71 12.39 18.26 -12.58
CA ILE B 71 11.81 17.78 -13.83
C ILE B 71 11.42 18.96 -14.71
N GLU B 72 10.83 19.99 -14.11
CA GLU B 72 10.48 21.18 -14.88
C GLU B 72 11.73 21.83 -15.47
N LEU B 73 12.83 21.83 -14.73
CA LEU B 73 14.08 22.41 -15.22
C LEU B 73 14.69 21.58 -16.35
N MSE B 74 14.75 20.27 -16.19
CA MSE B 74 15.32 19.41 -17.24
C MSE B 74 14.48 19.43 -18.50
O MSE B 74 15.00 19.19 -19.59
CB MSE B 74 15.54 17.97 -16.77
CG MSE B 74 16.14 17.81 -15.38
SE MSE B 74 15.75 16.12 -14.45
CE MSE B 74 16.63 14.83 -15.59
N SER B 75 13.18 19.74 -18.37
CA SER B 75 12.39 19.91 -19.57
C SER B 75 12.88 21.07 -20.43
N LEU B 76 13.61 22.03 -19.85
CA LEU B 76 14.08 23.20 -20.58
C LEU B 76 15.28 22.93 -21.47
N LYS B 77 16.08 21.91 -21.18
CA LYS B 77 17.27 21.58 -21.96
C LYS B 77 18.18 22.81 -22.13
N LEU B 78 18.75 23.21 -20.99
CA LEU B 78 19.59 24.40 -20.86
C LEU B 78 21.04 24.01 -21.05
N GLN B 79 21.90 25.01 -21.18
CA GLN B 79 23.22 24.58 -21.64
C GLN B 79 24.08 23.93 -20.57
N GLY B 80 24.24 24.55 -19.43
CA GLY B 80 25.06 23.91 -18.42
C GLY B 80 25.27 24.80 -17.22
N GLU B 81 25.99 25.90 -17.42
CA GLU B 81 26.08 26.89 -16.36
C GLU B 81 24.71 27.49 -16.11
N LEU B 82 23.99 27.84 -17.19
CA LEU B 82 22.57 28.16 -17.08
C LEU B 82 21.88 27.10 -16.22
N PHE B 83 22.13 25.82 -16.57
CA PHE B 83 21.56 24.72 -15.83
C PHE B 83 22.08 24.68 -14.40
N LYS B 84 23.35 25.02 -14.18
CA LYS B 84 23.93 24.96 -12.84
C LYS B 84 23.32 26.01 -11.92
N GLU B 85 23.14 27.24 -12.41
CA GLU B 85 22.53 28.28 -11.58
C GLU B 85 21.05 27.99 -11.34
N GLN B 86 20.35 27.46 -12.34
CA GLN B 86 18.96 27.10 -12.07
C GLN B 86 18.87 25.92 -11.11
N LEU B 87 19.84 25.01 -11.17
CA LEU B 87 19.89 23.89 -10.24
C LEU B 87 20.08 24.36 -8.81
N SER B 88 21.05 25.27 -8.60
CA SER B 88 21.26 25.76 -7.25
C SER B 88 20.10 26.62 -6.79
N LYS B 89 19.47 27.35 -7.70
CA LYS B 89 18.28 28.12 -7.35
C LYS B 89 17.18 27.21 -6.82
N ILE B 90 16.87 26.14 -7.57
CA ILE B 90 15.77 25.28 -7.15
C ILE B 90 16.14 24.45 -5.94
N SER B 91 17.44 24.17 -5.72
CA SER B 91 17.83 23.42 -4.53
C SER B 91 17.75 24.28 -3.28
N LYS B 92 18.14 25.55 -3.38
CA LYS B 92 17.92 26.45 -2.24
C LYS B 92 16.44 26.70 -2.02
N GLU B 93 15.65 26.73 -3.10
CA GLU B 93 14.21 26.89 -2.95
C GLU B 93 13.58 25.72 -2.21
N SER B 94 14.19 24.54 -2.29
CA SER B 94 13.63 23.34 -1.67
C SER B 94 14.25 23.04 -0.31
N GLY B 95 15.04 23.96 0.24
CA GLY B 95 15.59 23.77 1.56
C GLY B 95 16.92 23.04 1.61
N TYR B 96 17.73 23.13 0.56
CA TYR B 96 19.03 22.49 0.55
C TYR B 96 20.14 23.54 0.57
N ASP B 97 21.24 23.19 1.24
CA ASP B 97 22.42 24.06 1.27
C ASP B 97 22.82 24.47 -0.14
N SER B 98 23.05 23.48 -0.99
CA SER B 98 23.71 23.63 -2.27
C SER B 98 23.01 22.75 -3.28
N ALA B 99 23.41 22.90 -4.54
CA ALA B 99 23.04 21.89 -5.53
C ALA B 99 23.67 20.55 -5.16
N GLN B 100 24.88 20.59 -4.62
CA GLN B 100 25.61 19.37 -4.27
C GLN B 100 24.92 18.64 -3.12
N SER B 101 24.49 19.38 -2.09
CA SER B 101 23.82 18.75 -0.97
C SER B 101 22.52 18.08 -1.42
N ALA B 102 21.79 18.72 -2.32
CA ALA B 102 20.58 18.11 -2.87
C ALA B 102 20.91 16.85 -3.67
N LEU B 103 21.87 16.95 -4.58
CA LEU B 103 22.23 15.81 -5.41
C LEU B 103 22.69 14.62 -4.59
N ILE B 104 23.29 14.88 -3.42
CA ILE B 104 23.76 13.77 -2.59
C ILE B 104 22.68 13.24 -1.66
N GLN B 105 21.75 14.09 -1.21
CA GLN B 105 20.77 13.67 -0.21
C GLN B 105 19.36 13.43 -0.76
N ALA B 106 18.98 14.10 -1.85
CA ALA B 106 17.60 14.06 -2.30
C ALA B 106 17.22 12.69 -2.85
N THR B 107 15.94 12.37 -2.74
CA THR B 107 15.40 11.09 -3.18
C THR B 107 13.92 11.29 -3.44
N ASN B 108 13.46 10.87 -4.62
CA ASN B 108 12.07 11.10 -4.99
C ASN B 108 11.16 10.05 -4.36
N SER B 109 9.87 10.13 -4.67
CA SER B 109 8.91 9.20 -4.08
C SER B 109 9.19 7.77 -4.51
N GLU B 110 9.80 7.59 -5.68
CA GLU B 110 10.17 6.26 -6.14
C GLU B 110 11.44 5.73 -5.48
N GLY B 111 12.14 6.56 -4.72
CA GLY B 111 13.37 6.16 -4.07
C GLY B 111 14.62 6.44 -4.88
N GLN B 112 14.51 7.14 -6.00
CA GLN B 112 15.65 7.38 -6.88
C GLN B 112 16.40 8.63 -6.44
N SER B 113 17.73 8.56 -6.52
CA SER B 113 18.53 9.76 -6.41
C SER B 113 18.38 10.57 -7.70
N PRO B 114 18.77 11.85 -7.68
CA PRO B 114 18.73 12.63 -8.93
C PRO B 114 19.55 12.02 -10.06
N LEU B 115 20.78 11.59 -9.77
CA LEU B 115 21.60 10.95 -10.81
C LEU B 115 20.96 9.66 -11.30
N GLN B 116 20.41 8.88 -10.38
CA GLN B 116 19.71 7.64 -10.77
C GLN B 116 18.49 7.95 -11.63
N TYR B 117 17.71 8.96 -11.25
CA TYR B 117 16.55 9.32 -12.07
C TYR B 117 16.98 9.73 -13.47
N ALA B 118 18.04 10.54 -13.58
CA ALA B 118 18.48 10.99 -14.89
C ALA B 118 18.99 9.83 -15.73
N LEU B 119 19.67 8.87 -15.11
CA LEU B 119 20.18 7.73 -15.85
C LEU B 119 19.04 6.82 -16.30
N GLN B 120 18.08 6.57 -15.41
N GLN B 120 18.08 6.57 -15.41
CA GLN B 120 16.92 5.74 -15.77
CA GLN B 120 16.92 5.74 -15.77
C GLN B 120 16.12 6.38 -16.91
C GLN B 120 16.12 6.38 -16.90
N LYS B 121 16.07 7.71 -16.94
CA LYS B 121 15.42 8.42 -18.03
C LYS B 121 16.29 8.52 -19.27
N GLN B 122 17.51 7.98 -19.22
CA GLN B 122 18.47 8.05 -20.33
C GLN B 122 18.78 9.50 -20.72
N ASP B 123 18.76 10.41 -19.75
CA ASP B 123 19.16 11.80 -19.96
C ASP B 123 20.61 11.93 -19.53
N PHE B 124 21.52 11.55 -20.43
CA PHE B 124 22.93 11.44 -20.06
C PHE B 124 23.59 12.80 -19.88
N SER B 125 23.13 13.83 -20.59
CA SER B 125 23.69 15.16 -20.37
C SER B 125 23.33 15.69 -18.99
N THR B 126 22.08 15.48 -18.57
CA THR B 126 21.70 15.91 -17.23
C THR B 126 22.47 15.13 -16.17
N ALA B 127 22.71 13.85 -16.40
CA ALA B 127 23.51 13.07 -15.47
C ALA B 127 24.95 13.57 -15.42
N LYS B 128 25.49 13.96 -16.57
CA LYS B 128 26.84 14.52 -16.60
C LYS B 128 26.90 15.82 -15.82
N TYR B 129 25.92 16.70 -15.99
CA TYR B 129 25.89 17.94 -15.21
C TYR B 129 25.74 17.65 -13.73
N PHE B 130 24.94 16.64 -13.37
CA PHE B 130 24.85 16.25 -11.97
C PHE B 130 26.20 15.82 -11.43
N LEU B 131 26.96 15.05 -12.22
CA LEU B 131 28.30 14.66 -11.80
C LEU B 131 29.22 15.86 -11.69
N ASP B 132 29.02 16.87 -12.54
CA ASP B 132 29.81 18.09 -12.45
C ASP B 132 29.57 18.82 -11.12
N ASN B 133 28.37 18.74 -10.57
CA ASN B 133 28.02 19.42 -9.35
C ASN B 133 28.19 18.54 -8.12
N GLY B 134 28.88 17.42 -8.24
CA GLY B 134 29.24 16.61 -7.10
C GLY B 134 28.34 15.42 -6.82
N ALA B 135 27.50 15.01 -7.77
CA ALA B 135 26.71 13.82 -7.59
C ALA B 135 27.60 12.59 -7.53
N LYS B 136 27.29 11.69 -6.60
CA LYS B 136 28.08 10.48 -6.40
C LYS B 136 27.38 9.28 -7.00
N ALA B 137 28.16 8.22 -7.23
CA ALA B 137 27.71 7.00 -7.91
C ALA B 137 27.84 5.83 -6.95
N GLY B 138 26.77 5.50 -6.25
CA GLY B 138 26.72 4.28 -5.50
C GLY B 138 26.49 3.09 -6.39
N PRO B 139 26.51 1.90 -5.80
CA PRO B 139 26.27 0.68 -6.58
C PRO B 139 24.96 0.72 -7.35
N ILE B 140 23.92 1.34 -6.78
CA ILE B 140 22.64 1.45 -7.47
C ILE B 140 22.77 2.35 -8.68
N GLU B 141 23.43 3.50 -8.53
CA GLU B 141 23.65 4.39 -9.67
C GLU B 141 24.46 3.70 -10.75
N LYS B 142 25.45 2.89 -10.36
CA LYS B 142 26.26 2.17 -11.34
C LYS B 142 25.45 1.11 -12.07
N ALA B 143 24.59 0.40 -11.34
CA ALA B 143 23.74 -0.60 -11.99
C ALA B 143 22.78 0.05 -12.97
N VAL B 144 22.15 1.15 -12.56
CA VAL B 144 21.22 1.84 -13.45
C VAL B 144 21.96 2.37 -14.67
N PHE B 145 23.20 2.83 -14.48
CA PHE B 145 24.02 3.30 -15.59
C PHE B 145 24.31 2.17 -16.57
N GLU B 146 24.70 1.00 -16.05
N GLU B 146 24.69 1.00 -16.06
CA GLU B 146 24.99 -0.13 -16.92
CA GLU B 146 25.00 -0.13 -16.92
C GLU B 146 23.75 -0.56 -17.70
C GLU B 146 23.77 -0.61 -17.68
N ILE B 147 22.59 -0.54 -17.06
CA ILE B 147 21.36 -0.89 -17.77
C ILE B 147 21.04 0.18 -18.82
N ALA B 148 21.23 1.46 -18.49
CA ALA B 148 20.92 2.54 -19.41
C ALA B 148 21.87 2.62 -20.59
N LEU B 149 23.07 2.03 -20.50
CA LEU B 149 23.99 2.15 -21.62
C LEU B 149 23.73 1.16 -22.72
N ASP B 150 22.79 0.24 -22.51
CA ASP B 150 22.29 -0.61 -23.59
C ASP B 150 20.99 0.00 -24.08
N SER B 151 21.12 1.04 -24.89
CA SER B 151 19.98 1.75 -25.43
C SER B 151 20.44 2.56 -26.63
N LYS B 152 19.49 2.89 -27.51
CA LYS B 152 19.76 3.74 -28.65
C LYS B 152 20.28 5.11 -28.22
N ALA B 153 19.72 5.66 -27.14
CA ALA B 153 20.14 6.97 -26.67
C ALA B 153 21.60 6.95 -26.25
N ALA B 154 22.03 5.88 -25.60
CA ALA B 154 23.44 5.76 -25.19
C ALA B 154 24.36 5.63 -26.39
N LYS B 155 23.89 5.00 -27.47
CA LYS B 155 24.73 4.84 -28.65
C LYS B 155 24.83 6.15 -29.43
N GLU B 156 23.71 6.86 -29.57
CA GLU B 156 23.75 8.17 -30.19
C GLU B 156 24.56 9.17 -29.36
N PHE B 157 24.59 8.98 -28.04
CA PHE B 157 25.42 9.84 -27.19
C PHE B 157 26.91 9.60 -27.39
N GLY B 158 27.30 8.43 -27.92
CA GLY B 158 28.70 8.11 -28.14
C GLY B 158 29.25 7.01 -27.26
N PHE B 159 28.43 6.35 -26.46
CA PHE B 159 28.90 5.27 -25.62
C PHE B 159 29.16 4.01 -26.46
N PRO B 160 30.11 3.19 -26.07
CA PRO B 160 30.34 1.91 -26.75
C PRO B 160 29.31 0.88 -26.32
N PRO B 161 29.21 -0.23 -27.02
CA PRO B 161 28.38 -1.34 -26.52
C PRO B 161 28.95 -1.82 -25.19
N LEU B 162 28.10 -2.46 -24.40
CA LEU B 162 28.56 -3.00 -23.14
C LEU B 162 29.60 -4.10 -23.39
N PRO B 163 30.62 -4.21 -22.53
CA PRO B 163 31.61 -5.27 -22.73
C PRO B 163 30.99 -6.62 -22.54
N PRO B 164 31.44 -7.64 -23.29
CA PRO B 164 30.84 -8.98 -23.19
C PRO B 164 30.93 -9.58 -21.81
N GLU B 165 31.92 -9.18 -21.00
CA GLU B 165 32.02 -9.64 -19.63
C GLU B 165 30.75 -9.36 -18.83
N LYS B 166 29.97 -8.36 -19.25
CA LYS B 166 28.75 -8.00 -18.53
C LYS B 166 27.55 -8.85 -18.94
N GLU B 167 27.73 -9.78 -19.88
CA GLU B 167 26.62 -10.62 -20.32
C GLU B 167 26.25 -11.67 -19.28
N LYS B 168 27.22 -12.17 -18.53
CA LYS B 168 26.95 -13.23 -17.56
C LYS B 168 26.16 -12.68 -16.39
N LEU B 169 25.21 -13.47 -15.89
CA LEU B 169 24.45 -13.08 -14.71
C LEU B 169 25.33 -13.22 -13.47
N HIS B 170 25.62 -12.10 -12.82
CA HIS B 170 26.45 -12.13 -11.63
C HIS B 170 25.81 -13.01 -10.56
N PRO B 171 26.61 -13.83 -9.85
CA PRO B 171 26.04 -14.68 -8.80
C PRO B 171 25.22 -13.92 -7.78
N VAL B 172 25.69 -12.74 -7.40
CA VAL B 172 24.96 -11.91 -6.45
C VAL B 172 23.59 -11.56 -7.02
N LYS B 173 23.52 -11.22 -8.31
CA LYS B 173 22.23 -10.95 -8.94
C LYS B 173 21.40 -12.22 -9.00
N ASN B 174 22.02 -13.34 -9.42
CA ASN B 174 21.29 -14.60 -9.56
C ASN B 174 20.60 -14.99 -8.25
N PHE B 175 21.26 -14.79 -7.11
CA PHE B 175 20.65 -15.21 -5.85
C PHE B 175 19.77 -14.12 -5.24
N GLY B 176 20.16 -12.84 -5.36
CA GLY B 176 19.39 -11.79 -4.74
C GLY B 176 18.10 -11.48 -5.48
N LEU B 177 18.13 -11.52 -6.82
CA LEU B 177 16.92 -11.24 -7.59
C LEU B 177 15.84 -12.29 -7.35
N VAL B 178 16.23 -13.52 -7.04
CA VAL B 178 15.26 -14.59 -6.82
C VAL B 178 14.85 -14.67 -5.36
N LEU B 179 15.80 -14.64 -4.44
CA LEU B 179 15.53 -14.78 -3.02
C LEU B 179 15.27 -13.45 -2.32
N GLY B 180 15.39 -12.32 -3.02
CA GLY B 180 15.16 -11.04 -2.41
C GLY B 180 16.24 -10.63 -1.44
N ILE B 181 17.49 -10.76 -1.85
CA ILE B 181 18.65 -10.44 -1.01
C ILE B 181 19.24 -9.13 -1.50
N LYS B 182 19.19 -8.09 -0.68
CA LYS B 182 19.78 -6.80 -0.99
C LYS B 182 21.21 -6.79 -0.45
N THR B 183 22.18 -6.81 -1.36
CA THR B 183 23.59 -6.79 -0.97
C THR B 183 24.44 -6.39 -2.17
N THR B 184 25.74 -6.29 -1.94
CA THR B 184 26.69 -5.91 -2.99
C THR B 184 27.86 -6.88 -2.97
N SER B 185 28.31 -7.27 -4.16
CA SER B 185 29.45 -8.16 -4.26
C SER B 185 30.73 -7.42 -3.90
N VAL B 186 31.81 -8.18 -3.71
CA VAL B 186 33.09 -7.57 -3.39
C VAL B 186 33.61 -6.76 -4.57
N ASP B 187 33.22 -7.11 -5.80
CA ASP B 187 33.64 -6.33 -6.95
C ASP B 187 32.76 -5.10 -7.19
N GLY B 188 31.79 -4.84 -6.32
CA GLY B 188 30.96 -3.66 -6.42
C GLY B 188 29.66 -3.85 -7.17
N THR B 189 29.33 -5.06 -7.58
CA THR B 189 28.09 -5.31 -8.30
C THR B 189 26.94 -5.48 -7.32
N PRO B 190 25.88 -4.69 -7.41
CA PRO B 190 24.75 -4.86 -6.50
C PRO B 190 23.88 -6.05 -6.88
N SER B 191 23.20 -6.58 -5.87
CA SER B 191 22.24 -7.64 -6.11
C SER B 191 21.04 -7.15 -6.94
N GLN B 192 20.73 -5.85 -6.86
CA GLN B 192 19.56 -5.29 -7.52
C GLN B 192 19.89 -4.88 -8.96
N PHE B 193 18.84 -4.80 -9.77
CA PHE B 193 18.91 -4.40 -11.18
C PHE B 193 19.60 -5.46 -12.05
N GLY B 194 19.02 -5.76 -13.20
CA GLY B 194 19.60 -6.75 -14.08
C GLY B 194 19.15 -6.54 -15.51
N HIS B 195 19.92 -7.14 -16.43
CA HIS B 195 19.56 -7.10 -17.84
C HIS B 195 18.44 -8.11 -18.13
N ILE B 196 17.75 -7.88 -19.25
CA ILE B 196 16.58 -8.68 -19.57
C ILE B 196 16.97 -10.10 -19.99
N ALA B 197 18.04 -10.25 -20.76
CA ALA B 197 18.37 -11.56 -21.33
C ALA B 197 18.65 -12.62 -20.27
N PRO B 198 19.63 -12.44 -19.36
CA PRO B 198 19.88 -13.50 -18.38
C PRO B 198 18.74 -13.70 -17.41
N THR B 199 18.02 -12.64 -17.02
CA THR B 199 16.94 -12.79 -16.05
C THR B 199 15.75 -13.51 -16.67
N TYR B 200 15.41 -13.20 -17.92
CA TYR B 200 14.33 -13.91 -18.57
C TYR B 200 14.72 -15.36 -18.83
N GLN B 201 15.99 -15.62 -19.15
CA GLN B 201 16.44 -17.01 -19.25
C GLN B 201 16.29 -17.73 -17.92
N LEU B 202 16.62 -17.05 -16.82
CA LEU B 202 16.47 -17.64 -15.48
C LEU B 202 15.02 -17.99 -15.19
N MSE B 203 14.10 -17.10 -15.54
CA MSE B 203 12.70 -17.37 -15.27
C MSE B 203 12.13 -18.48 -16.15
O MSE B 203 11.35 -19.31 -15.68
CB MSE B 203 11.88 -16.10 -15.43
CG MSE B 203 12.11 -15.22 -14.25
SE MSE B 203 10.44 -14.69 -13.50
CE MSE B 203 9.96 -16.40 -12.82
N THR B 204 12.54 -18.49 -17.41
CA THR B 204 12.19 -19.59 -18.29
C THR B 204 12.69 -20.92 -17.73
N ASP B 205 13.94 -20.92 -17.24
CA ASP B 205 14.48 -22.14 -16.64
C ASP B 205 13.67 -22.54 -15.40
N SER B 206 13.25 -21.57 -14.58
CA SER B 206 12.55 -21.92 -13.36
C SER B 206 11.15 -22.45 -13.64
N VAL B 207 10.44 -21.85 -14.60
CA VAL B 207 9.13 -22.38 -14.96
C VAL B 207 9.27 -23.74 -15.64
N SER B 208 10.31 -23.94 -16.47
CA SER B 208 10.51 -25.23 -17.09
C SER B 208 10.86 -26.29 -16.05
N HIS B 209 11.61 -25.91 -15.03
CA HIS B 209 11.95 -26.82 -13.94
C HIS B 209 10.70 -27.22 -13.18
N PHE B 210 9.83 -26.25 -12.87
CA PHE B 210 8.59 -26.60 -12.18
C PHE B 210 7.71 -27.48 -13.06
N ALA B 211 7.67 -27.22 -14.37
CA ALA B 211 6.83 -28.02 -15.24
C ALA B 211 7.33 -29.45 -15.36
N LYS B 212 8.65 -29.62 -15.51
CA LYS B 212 9.21 -30.97 -15.58
C LYS B 212 9.05 -31.70 -14.25
N SER B 213 9.09 -30.99 -13.12
CA SER B 213 8.93 -31.62 -11.83
C SER B 213 7.48 -31.99 -11.53
N HIS B 214 6.53 -31.35 -12.20
CA HIS B 214 5.10 -31.64 -12.04
C HIS B 214 4.49 -31.82 -13.42
N PRO B 215 4.82 -32.92 -14.10
CA PRO B 215 4.34 -33.07 -15.49
C PRO B 215 2.83 -33.17 -15.61
N GLY B 216 2.12 -33.45 -14.51
CA GLY B 216 0.67 -33.49 -14.53
C GLY B 216 0.00 -32.14 -14.37
N ASN B 217 0.78 -31.08 -14.12
CA ASN B 217 0.23 -29.74 -14.02
C ASN B 217 0.14 -29.16 -15.42
N LYS B 218 -1.06 -29.21 -15.99
CA LYS B 218 -1.26 -28.74 -17.36
C LYS B 218 -1.04 -27.24 -17.47
N ASN B 219 -1.51 -26.49 -16.47
CA ASN B 219 -1.32 -25.04 -16.46
C ASN B 219 0.14 -24.68 -16.61
N PHE B 220 1.02 -25.38 -15.89
CA PHE B 220 2.43 -25.02 -15.96
C PHE B 220 3.14 -25.62 -17.16
N GLN B 221 2.63 -26.71 -17.74
CA GLN B 221 3.12 -27.11 -19.06
C GLN B 221 2.87 -25.99 -20.07
N GLU B 222 1.65 -25.45 -20.08
CA GLU B 222 1.33 -24.33 -20.97
C GLU B 222 2.22 -23.12 -20.69
N ILE B 223 2.38 -22.77 -19.40
CA ILE B 223 3.17 -21.60 -19.04
C ILE B 223 4.62 -21.77 -19.45
N ALA B 224 5.20 -22.94 -19.20
CA ALA B 224 6.59 -23.19 -19.56
C ALA B 224 6.78 -23.16 -21.06
N ASN B 225 5.80 -23.69 -21.82
CA ASN B 225 5.88 -23.64 -23.27
C ASN B 225 5.87 -22.19 -23.77
N ALA B 226 4.99 -21.36 -23.22
CA ALA B 226 4.95 -19.95 -23.62
C ALA B 226 6.27 -19.26 -23.28
N PHE B 227 6.80 -19.50 -22.08
CA PHE B 227 8.04 -18.86 -21.68
C PHE B 227 9.18 -19.26 -22.61
N GLN B 228 9.30 -20.55 -22.91
CA GLN B 228 10.36 -21.01 -23.81
C GLN B 228 10.21 -20.37 -25.19
N PHE B 229 8.99 -20.36 -25.73
CA PHE B 229 8.76 -19.75 -27.04
C PHE B 229 9.23 -18.31 -27.07
N SER B 230 8.77 -17.50 -26.10
CA SER B 230 9.06 -16.08 -26.18
C SER B 230 10.50 -15.77 -25.79
N ASN B 231 11.10 -16.58 -24.93
CA ASN B 231 12.50 -16.41 -24.60
C ASN B 231 13.37 -16.65 -25.83
N GLU B 232 13.08 -17.70 -26.60
CA GLU B 232 13.90 -17.96 -27.77
C GLU B 232 13.61 -16.96 -28.89
N ALA B 233 12.34 -16.56 -29.04
CA ALA B 233 11.98 -15.68 -30.16
C ALA B 233 12.49 -14.26 -29.95
N SER B 234 12.38 -13.73 -28.72
CA SER B 234 12.75 -12.34 -28.47
C SER B 234 14.24 -12.10 -28.69
N ALA B 235 15.08 -13.10 -28.45
CA ALA B 235 16.52 -13.05 -28.72
C ALA B 235 17.16 -11.80 -28.10
N PHE B 236 17.11 -11.74 -26.78
CA PHE B 236 17.65 -10.59 -26.07
C PHE B 236 19.17 -10.72 -25.94
N LYS B 237 19.88 -9.66 -26.27
CA LYS B 237 21.27 -9.49 -25.87
C LYS B 237 21.32 -8.31 -24.93
N PHE B 238 21.83 -8.53 -23.72
CA PHE B 238 21.69 -7.58 -22.62
C PHE B 238 20.22 -7.24 -22.42
N SER B 239 19.80 -6.02 -22.78
CA SER B 239 18.41 -5.62 -22.66
C SER B 239 17.82 -5.15 -23.99
N THR B 240 18.38 -5.58 -25.11
CA THR B 240 17.89 -5.18 -26.43
C THR B 240 17.50 -6.42 -27.22
N PRO B 241 16.28 -6.52 -27.72
CA PRO B 241 15.92 -7.68 -28.55
C PRO B 241 16.55 -7.58 -29.92
N GLN B 242 17.07 -8.70 -30.42
CA GLN B 242 17.85 -8.71 -31.64
C GLN B 242 17.06 -9.17 -32.86
N ARG B 243 15.75 -9.33 -32.74
CA ARG B 243 14.92 -9.80 -33.86
C ARG B 243 13.69 -8.92 -34.05
N ASN B 244 13.86 -7.61 -33.86
CA ASN B 244 12.80 -6.65 -34.14
C ASN B 244 12.84 -6.27 -35.61
N PRO B 245 11.78 -6.51 -36.40
CA PRO B 245 10.43 -6.90 -35.95
C PRO B 245 10.02 -8.36 -36.18
N GLU B 246 10.99 -9.26 -36.36
CA GLU B 246 10.64 -10.66 -36.60
C GLU B 246 9.97 -11.29 -35.39
N ALA B 247 10.50 -11.01 -34.18
CA ALA B 247 9.95 -11.59 -32.97
C ALA B 247 8.51 -11.13 -32.74
N GLY B 248 8.21 -9.87 -33.06
CA GLY B 248 6.84 -9.39 -32.93
C GLY B 248 5.88 -10.17 -33.83
N ASN B 249 6.31 -10.45 -35.07
CA ASN B 249 5.47 -11.23 -35.97
C ASN B 249 5.28 -12.65 -35.46
N ASP B 250 6.35 -13.28 -34.97
CA ASP B 250 6.22 -14.63 -34.42
C ASP B 250 5.26 -14.67 -33.25
N LEU B 251 5.38 -13.72 -32.32
CA LEU B 251 4.53 -13.71 -31.13
C LEU B 251 3.08 -13.41 -31.49
N ALA B 252 2.86 -12.49 -32.44
CA ALA B 252 1.48 -12.20 -32.85
C ALA B 252 0.86 -13.40 -33.55
N ARG B 253 1.64 -14.12 -34.37
CA ARG B 253 1.11 -15.31 -35.02
C ARG B 253 0.79 -16.39 -34.00
N ARG B 254 1.63 -16.51 -32.96
CA ARG B 254 1.31 -17.46 -31.89
C ARG B 254 0.03 -17.04 -31.17
N ILE B 255 -0.21 -15.74 -31.03
CA ILE B 255 -1.42 -15.28 -30.35
C ILE B 255 -2.65 -15.56 -31.20
N GLN B 256 -2.55 -15.40 -32.52
CA GLN B 256 -3.69 -15.71 -33.37
C GLN B 256 -3.90 -17.21 -33.52
N GLY B 257 -2.90 -18.02 -33.18
CA GLY B 257 -3.05 -19.46 -33.12
C GLY B 257 -3.76 -19.97 -31.88
N GLY B 258 -4.03 -19.10 -30.91
CA GLY B 258 -4.76 -19.51 -29.72
C GLY B 258 -3.91 -20.13 -28.64
N GLU B 259 -2.66 -19.71 -28.51
CA GLU B 259 -1.75 -20.23 -27.50
C GLU B 259 -1.35 -19.14 -26.53
N LEU B 260 -1.13 -19.54 -25.27
CA LEU B 260 -0.62 -18.62 -24.27
C LEU B 260 0.73 -18.08 -24.72
N THR B 261 0.90 -16.76 -24.64
CA THR B 261 2.08 -16.09 -25.14
C THR B 261 2.52 -15.04 -24.13
N THR B 262 3.72 -15.20 -23.61
CA THR B 262 4.32 -14.18 -22.77
C THR B 262 4.94 -13.12 -23.66
N ILE B 263 4.91 -11.88 -23.18
CA ILE B 263 5.44 -10.75 -23.95
C ILE B 263 6.42 -9.98 -23.08
N PRO B 264 7.73 -10.07 -23.33
CA PRO B 264 8.69 -9.24 -22.58
C PRO B 264 8.41 -7.77 -22.83
N VAL B 265 8.21 -7.03 -21.73
CA VAL B 265 7.80 -5.63 -21.81
C VAL B 265 8.73 -4.80 -20.94
N SER B 266 9.18 -3.67 -21.47
CA SER B 266 10.03 -2.77 -20.71
C SER B 266 9.78 -1.35 -21.16
N CYS B 267 10.18 -0.42 -20.30
CA CYS B 267 10.30 1.00 -20.63
C CYS B 267 11.68 1.45 -20.17
N LYS B 268 11.97 2.74 -20.31
CA LYS B 268 13.26 3.30 -19.92
C LYS B 268 13.68 2.89 -18.51
N GLY B 269 14.61 1.94 -18.43
CA GLY B 269 15.17 1.51 -17.17
C GLY B 269 14.26 0.65 -16.31
N HIS B 270 13.14 0.17 -16.85
CA HIS B 270 12.23 -0.63 -16.05
C HIS B 270 11.67 -1.80 -16.85
N ALA B 271 11.47 -2.93 -16.19
CA ALA B 271 10.89 -4.12 -16.82
C ALA B 271 9.56 -4.43 -16.15
N MSE B 272 8.53 -4.66 -16.95
CA MSE B 272 7.22 -5.06 -16.43
C MSE B 272 6.93 -6.50 -16.83
O MSE B 272 7.84 -7.21 -17.28
CB MSE B 272 6.11 -4.12 -16.95
CG MSE B 272 6.29 -2.65 -16.60
SE MSE B 272 7.57 -1.70 -17.73
CE MSE B 272 6.39 -0.39 -18.58
N GLY B 273 5.69 -6.92 -16.66
CA GLY B 273 5.27 -8.25 -17.07
C GLY B 273 4.04 -8.19 -17.95
N LEU B 274 4.03 -9.02 -19.00
CA LEU B 274 2.91 -9.01 -19.92
C LEU B 274 2.76 -10.38 -20.55
N SER B 275 1.52 -10.86 -20.62
CA SER B 275 1.26 -12.14 -21.24
C SER B 275 -0.17 -12.18 -21.75
N TYR B 276 -0.43 -13.13 -22.64
CA TYR B 276 -1.77 -13.32 -23.22
C TYR B 276 -2.23 -14.74 -22.94
N VAL B 277 -3.41 -14.85 -22.33
CA VAL B 277 -4.05 -16.13 -21.99
C VAL B 277 -5.25 -16.30 -22.89
N PRO B 278 -5.25 -17.23 -23.84
CA PRO B 278 -6.40 -17.39 -24.73
C PRO B 278 -7.56 -18.09 -24.04
N ASP B 279 -8.76 -17.84 -24.57
CA ASP B 279 -9.94 -18.56 -24.10
C ASP B 279 -9.89 -20.04 -24.47
N GLY B 280 -9.16 -20.41 -25.51
CA GLY B 280 -9.08 -21.78 -25.95
C GLY B 280 -8.39 -21.91 -27.30
N PRO B 281 -8.24 -23.15 -27.76
CA PRO B 281 -7.58 -23.36 -29.06
C PRO B 281 -8.39 -22.76 -30.20
N GLY B 282 -7.71 -22.01 -31.08
CA GLY B 282 -8.38 -21.37 -32.18
C GLY B 282 -9.30 -20.23 -31.80
N SER B 283 -9.40 -19.90 -30.52
CA SER B 283 -10.15 -18.74 -30.07
C SER B 283 -9.53 -17.45 -30.58
N LYS B 284 -10.32 -16.38 -30.57
CA LYS B 284 -9.81 -15.04 -30.81
C LYS B 284 -9.95 -14.13 -29.59
N SER B 285 -10.55 -14.60 -28.51
CA SER B 285 -10.70 -13.82 -27.29
C SER B 285 -9.87 -14.43 -26.17
N GLY B 286 -9.64 -13.62 -25.14
CA GLY B 286 -8.86 -14.04 -23.99
C GLY B 286 -8.56 -12.90 -23.04
N TYR B 287 -7.38 -12.94 -22.44
CA TYR B 287 -6.99 -11.97 -21.42
C TYR B 287 -5.58 -11.49 -21.68
N LEU B 288 -5.37 -10.19 -21.51
CA LEU B 288 -4.04 -9.60 -21.54
C LEU B 288 -3.69 -9.25 -20.10
N VAL B 289 -2.64 -9.86 -19.59
CA VAL B 289 -2.26 -9.80 -18.19
C VAL B 289 -1.02 -8.92 -18.06
N TYR B 290 -1.16 -7.82 -17.31
CA TYR B 290 -0.09 -6.85 -17.10
C TYR B 290 0.32 -6.84 -15.64
N THR B 291 1.61 -6.61 -15.41
CA THR B 291 2.13 -6.66 -14.05
C THR B 291 3.18 -5.59 -13.88
N ASN B 292 3.00 -4.73 -12.87
CA ASN B 292 4.05 -3.81 -12.44
C ASN B 292 3.91 -3.58 -10.94
N ARG B 293 4.94 -3.97 -10.20
CA ARG B 293 5.06 -3.75 -8.76
C ARG B 293 6.05 -2.64 -8.42
N GLY B 294 6.61 -1.97 -9.41
CA GLY B 294 7.69 -1.03 -9.15
C GLY B 294 7.49 0.27 -9.89
N LEU B 295 8.59 0.77 -10.46
CA LEU B 295 8.64 2.11 -11.01
C LEU B 295 7.52 2.33 -12.03
N GLY B 296 6.84 3.48 -11.90
CA GLY B 296 5.79 3.88 -12.81
C GLY B 296 4.38 3.62 -12.30
N ALA B 297 4.22 2.66 -11.39
CA ALA B 297 2.92 2.29 -10.88
C ALA B 297 2.68 2.92 -9.51
N LYS B 298 1.46 3.38 -9.28
CA LYS B 298 1.11 3.89 -7.97
C LYS B 298 1.02 2.75 -6.97
N SER B 299 1.19 3.07 -5.69
CA SER B 299 1.14 2.05 -4.65
C SER B 299 -0.19 1.30 -4.67
N SER B 300 -1.28 1.98 -5.06
CA SER B 300 -2.58 1.32 -5.13
C SER B 300 -2.69 0.42 -6.36
N GLU B 301 -1.90 0.67 -7.41
CA GLU B 301 -1.92 -0.16 -8.61
C GLU B 301 -0.86 -1.24 -8.61
N HIS B 302 -0.01 -1.30 -7.58
CA HIS B 302 1.08 -2.28 -7.55
C HIS B 302 0.54 -3.69 -7.65
N GLY B 303 0.98 -4.41 -8.67
CA GLY B 303 0.56 -5.78 -8.85
C GLY B 303 0.14 -6.08 -10.28
N THR B 304 -0.90 -6.89 -10.43
CA THR B 304 -1.28 -7.48 -11.72
C THR B 304 -2.69 -7.04 -12.08
N HIS B 305 -2.86 -6.59 -13.32
CA HIS B 305 -4.14 -6.14 -13.86
C HIS B 305 -4.50 -7.00 -15.06
N ILE B 306 -5.76 -7.45 -15.11
CA ILE B 306 -6.21 -8.35 -16.16
C ILE B 306 -7.21 -7.60 -17.04
N PHE B 307 -6.88 -7.47 -18.33
CA PHE B 307 -7.78 -6.87 -19.32
C PHE B 307 -8.45 -7.97 -20.14
N ARG B 308 -9.73 -7.78 -20.44
CA ARG B 308 -10.45 -8.69 -21.31
C ARG B 308 -10.22 -8.28 -22.76
N ILE B 309 -9.69 -9.20 -23.56
CA ILE B 309 -9.41 -8.99 -24.97
C ILE B 309 -10.46 -9.74 -25.76
N GLU B 310 -11.42 -9.01 -26.34
CA GLU B 310 -12.44 -9.69 -27.13
C GLU B 310 -12.03 -9.91 -28.58
N ASP B 311 -10.89 -9.35 -29.01
CA ASP B 311 -10.33 -9.64 -30.33
C ASP B 311 -8.81 -9.64 -30.19
N SER B 312 -8.20 -10.81 -30.28
CA SER B 312 -6.76 -10.92 -30.06
C SER B 312 -5.94 -10.32 -31.20
N SER B 313 -6.57 -9.91 -32.30
CA SER B 313 -5.84 -9.30 -33.40
C SER B 313 -5.40 -7.88 -33.07
N LYS B 314 -5.92 -7.27 -31.99
CA LYS B 314 -5.45 -5.95 -31.61
C LYS B 314 -4.08 -5.99 -30.95
N ILE B 315 -3.63 -7.17 -30.53
CA ILE B 315 -2.25 -7.35 -30.09
C ILE B 315 -1.39 -7.57 -31.33
N THR B 316 -1.01 -6.48 -31.97
CA THR B 316 -0.40 -6.51 -33.29
C THR B 316 1.10 -6.72 -33.19
N PRO B 317 1.74 -7.14 -34.28
CA PRO B 317 3.21 -7.30 -34.25
C PRO B 317 3.94 -6.02 -33.88
N GLU B 318 3.43 -4.86 -34.31
CA GLU B 318 4.06 -3.60 -33.92
C GLU B 318 3.97 -3.38 -32.42
N PHE B 319 2.83 -3.71 -31.81
CA PHE B 319 2.67 -3.58 -30.37
C PHE B 319 3.67 -4.47 -29.62
N ILE B 320 3.80 -5.72 -30.04
CA ILE B 320 4.71 -6.64 -29.37
C ILE B 320 6.15 -6.16 -29.52
N ASN B 321 6.53 -5.75 -30.72
CA ASN B 321 7.89 -5.25 -30.94
C ASN B 321 8.16 -4.02 -30.10
N ASN B 322 7.17 -3.14 -29.95
CA ASN B 322 7.35 -1.97 -29.11
C ASN B 322 7.47 -2.34 -27.64
N MSE B 323 6.77 -3.38 -27.21
CA MSE B 323 6.83 -3.88 -25.85
C MSE B 323 8.26 -4.38 -25.56
O MSE B 323 8.84 -4.07 -24.51
CB MSE B 323 5.80 -5.00 -25.67
CG MSE B 323 4.36 -4.52 -25.58
SE MSE B 323 4.09 -3.05 -24.32
CE MSE B 323 3.56 -1.62 -25.51
N THR B 324 8.80 -5.16 -26.50
CA THR B 324 10.10 -5.81 -26.28
C THR B 324 11.25 -4.80 -26.33
N SER B 325 11.12 -3.76 -27.14
CA SER B 325 12.19 -2.78 -27.33
C SER B 325 11.96 -1.52 -26.52
N GLY B 326 11.07 -1.55 -25.53
CA GLY B 326 10.73 -0.33 -24.81
C GLY B 326 11.93 0.38 -24.22
N HIS B 327 12.75 -0.37 -23.47
CA HIS B 327 13.92 0.23 -22.85
C HIS B 327 14.90 0.75 -23.91
N SER B 328 15.18 -0.06 -24.93
CA SER B 328 16.21 0.31 -25.90
C SER B 328 15.75 1.45 -26.81
N ASN B 329 14.47 1.49 -27.14
CA ASN B 329 13.93 2.59 -27.92
C ASN B 329 13.75 3.87 -27.12
N GLY B 330 14.00 3.83 -25.82
CA GLY B 330 13.80 5.02 -25.00
C GLY B 330 12.36 5.34 -24.70
N ALA B 331 11.45 4.38 -24.87
CA ALA B 331 10.05 4.64 -24.60
C ALA B 331 9.82 4.79 -23.10
N SER B 332 9.00 5.77 -22.73
CA SER B 332 8.73 6.01 -21.32
C SER B 332 7.62 5.11 -20.81
N HIS B 333 7.49 5.05 -19.49
CA HIS B 333 6.46 4.21 -18.88
C HIS B 333 5.09 4.59 -19.41
N ASP B 334 4.82 5.89 -19.55
CA ASP B 334 3.48 6.31 -19.96
C ASP B 334 3.20 5.93 -21.40
N GLU B 335 4.19 6.03 -22.29
CA GLU B 335 3.97 5.61 -23.67
C GLU B 335 3.66 4.12 -23.75
N ILE B 336 4.42 3.31 -23.00
CA ILE B 336 4.20 1.86 -22.99
C ILE B 336 2.84 1.51 -22.40
N MSE B 337 2.48 2.16 -21.29
CA MSE B 337 1.16 2.00 -20.66
C MSE B 337 0.02 2.40 -21.59
O MSE B 337 -1.02 1.75 -21.62
CB MSE B 337 1.05 2.82 -19.39
CG MSE B 337 0.00 2.30 -18.42
SE MSE B 337 0.42 0.55 -17.70
CE MSE B 337 -1.09 -0.50 -18.32
N SER B 338 0.22 3.51 -22.31
CA SER B 338 -0.76 3.97 -23.26
C SER B 338 -0.96 2.95 -24.37
N GLN B 339 0.14 2.40 -24.89
CA GLN B 339 0.04 1.38 -25.93
C GLN B 339 -0.64 0.12 -25.41
N ILE B 340 -0.34 -0.28 -24.17
CA ILE B 340 -0.96 -1.47 -23.58
C ILE B 340 -2.45 -1.25 -23.40
N LYS B 341 -2.85 -0.07 -22.92
CA LYS B 341 -4.27 0.23 -22.77
C LYS B 341 -4.98 0.26 -24.12
N ALA B 342 -4.34 0.85 -25.13
CA ALA B 342 -4.94 0.88 -26.46
C ALA B 342 -5.10 -0.52 -27.02
N ALA B 343 -4.13 -1.40 -26.74
CA ALA B 343 -4.24 -2.79 -27.20
C ALA B 343 -5.43 -3.50 -26.55
N ALA B 344 -5.85 -3.06 -25.38
CA ALA B 344 -6.99 -3.63 -24.67
C ALA B 344 -8.29 -2.86 -24.93
N GLY B 345 -8.33 -2.06 -25.99
CA GLY B 345 -9.53 -1.30 -26.31
C GLY B 345 -9.79 -0.13 -25.38
N ASN B 346 -8.78 0.31 -24.63
CA ASN B 346 -8.91 1.42 -23.70
C ASN B 346 -10.04 1.22 -22.69
N LYS B 347 -10.30 -0.05 -22.34
CA LYS B 347 -11.20 -0.40 -21.26
C LYS B 347 -10.39 -0.65 -19.99
N GLU B 348 -11.05 -0.52 -18.86
CA GLU B 348 -10.41 -0.70 -17.57
C GLU B 348 -10.22 -2.19 -17.28
N PRO B 349 -9.26 -2.54 -16.44
CA PRO B 349 -9.07 -3.95 -16.08
C PRO B 349 -10.29 -4.52 -15.39
N ILE B 350 -10.53 -5.80 -15.64
CA ILE B 350 -11.63 -6.47 -14.96
C ILE B 350 -11.21 -6.98 -13.59
N HIS B 351 -9.91 -7.10 -13.33
CA HIS B 351 -9.45 -7.64 -12.07
C HIS B 351 -8.05 -7.12 -11.74
N HIS B 352 -7.80 -6.94 -10.44
CA HIS B 352 -6.52 -6.47 -9.94
C HIS B 352 -6.07 -7.34 -8.78
N ILE B 353 -4.92 -8.01 -8.93
CA ILE B 353 -4.27 -8.73 -7.85
C ILE B 353 -3.23 -7.79 -7.23
N LYS B 354 -3.43 -7.44 -5.97
CA LYS B 354 -2.45 -6.63 -5.27
C LYS B 354 -1.25 -7.50 -4.91
N GLN B 355 -0.06 -7.02 -5.27
CA GLN B 355 1.17 -7.74 -4.99
C GLN B 355 2.20 -6.74 -4.47
N LYS B 356 3.07 -7.20 -3.57
CA LYS B 356 3.86 -6.28 -2.78
C LYS B 356 4.77 -5.43 -3.65
N GLY B 357 4.99 -4.19 -3.22
CA GLY B 357 5.76 -3.26 -4.01
C GLY B 357 7.25 -3.55 -3.89
N GLN B 358 7.94 -3.37 -5.00
CA GLN B 358 9.38 -3.57 -5.07
C GLN B 358 10.00 -2.25 -5.51
N LYS B 359 10.98 -1.76 -4.76
CA LYS B 359 11.61 -0.49 -5.09
C LYS B 359 13.11 -0.68 -5.27
N ASN B 360 13.68 0.26 -6.01
CA ASN B 360 15.11 0.26 -6.35
C ASN B 360 15.53 -1.06 -6.98
N ASP B 361 14.82 -1.41 -8.05
CA ASP B 361 15.08 -2.59 -8.86
C ASP B 361 14.16 -2.51 -10.08
N ASN B 362 14.69 -2.87 -11.25
CA ASN B 362 13.89 -2.82 -12.46
C ASN B 362 12.98 -4.05 -12.63
N CYS B 363 12.88 -4.89 -11.61
CA CYS B 363 11.85 -5.93 -11.52
C CYS B 363 11.89 -6.92 -12.69
N THR B 364 13.10 -7.29 -13.12
CA THR B 364 13.20 -8.29 -14.18
C THR B 364 12.68 -9.64 -13.73
N ILE B 365 12.74 -9.93 -12.43
CA ILE B 365 12.21 -11.16 -11.87
C ILE B 365 10.86 -10.94 -11.21
N ALA B 366 10.73 -9.88 -10.42
CA ALA B 366 9.51 -9.65 -9.64
C ALA B 366 8.27 -9.53 -10.53
N ASN B 367 8.35 -8.72 -11.59
CA ASN B 367 7.17 -8.49 -12.42
C ASN B 367 6.84 -9.69 -13.29
N SER B 368 7.85 -10.28 -13.95
CA SER B 368 7.59 -11.44 -14.79
C SER B 368 7.15 -12.65 -13.97
N LYS B 369 7.62 -12.77 -12.74
CA LYS B 369 7.16 -13.87 -11.90
C LYS B 369 5.74 -13.62 -11.41
N SER B 370 5.48 -12.43 -10.88
CA SER B 370 4.13 -12.14 -10.37
C SER B 370 3.08 -12.17 -11.47
N ASN B 371 3.50 -11.96 -12.73
CA ASN B 371 2.58 -12.09 -13.85
C ASN B 371 1.96 -13.49 -13.92
N ILE B 372 2.70 -14.51 -13.48
CA ILE B 372 2.23 -15.88 -13.51
C ILE B 372 1.00 -16.06 -12.64
N GLU B 373 0.87 -15.28 -11.57
CA GLU B 373 -0.34 -15.35 -10.75
C GLU B 373 -1.56 -14.98 -11.56
N GLY B 374 -1.48 -13.87 -12.31
CA GLY B 374 -2.59 -13.51 -13.18
C GLY B 374 -2.82 -14.53 -14.28
N ILE B 375 -1.74 -15.12 -14.80
CA ILE B 375 -1.88 -16.16 -15.81
C ILE B 375 -2.72 -17.31 -15.27
N LEU B 376 -2.41 -17.78 -14.06
CA LEU B 376 -3.14 -18.89 -13.46
C LEU B 376 -4.58 -18.50 -13.14
N LEU B 377 -4.79 -17.27 -12.69
CA LEU B 377 -6.15 -16.80 -12.43
C LEU B 377 -6.98 -16.80 -13.71
N CYS B 378 -6.38 -16.42 -14.84
CA CYS B 378 -7.12 -16.46 -16.10
C CYS B 378 -7.33 -17.89 -16.58
N GLN B 379 -6.39 -18.79 -16.32
CA GLN B 379 -6.61 -20.18 -16.67
C GLN B 379 -7.76 -20.76 -15.86
N LYS B 380 -7.86 -20.40 -14.58
CA LYS B 380 -8.98 -20.87 -13.77
C LYS B 380 -10.29 -20.26 -14.24
N ALA B 381 -10.29 -18.97 -14.59
CA ALA B 381 -11.51 -18.34 -15.08
C ALA B 381 -11.98 -18.99 -16.38
N ARG B 382 -11.02 -19.33 -17.25
CA ARG B 382 -11.38 -20.07 -18.45
C ARG B 382 -11.95 -21.44 -18.10
N GLU B 383 -11.38 -22.10 -17.08
CA GLU B 383 -11.85 -23.42 -16.68
C GLU B 383 -13.30 -23.38 -16.19
N VAL B 384 -13.65 -22.38 -15.37
CA VAL B 384 -14.96 -22.37 -14.74
C VAL B 384 -16.01 -21.62 -15.58
N GLY B 385 -15.64 -21.21 -16.78
CA GLY B 385 -16.58 -20.59 -17.69
C GLY B 385 -16.70 -19.09 -17.63
N GLY B 386 -15.66 -18.39 -17.14
CA GLY B 386 -15.67 -16.95 -17.16
C GLY B 386 -15.25 -16.31 -15.85
N PHE B 387 -14.80 -15.06 -15.91
CA PHE B 387 -14.37 -14.37 -14.70
C PHE B 387 -15.53 -14.13 -13.75
N ASP B 388 -16.73 -13.90 -14.28
CA ASP B 388 -17.89 -13.67 -13.44
C ASP B 388 -18.32 -14.91 -12.66
N LYS B 389 -17.83 -16.09 -13.04
CA LYS B 389 -18.18 -17.33 -12.36
C LYS B 389 -17.12 -17.80 -11.38
N LEU B 390 -16.11 -16.96 -11.11
CA LEU B 390 -15.07 -17.33 -10.15
C LEU B 390 -15.60 -17.25 -8.74
N THR B 391 -15.48 -18.34 -7.99
CA THR B 391 -15.87 -18.39 -6.59
C THR B 391 -14.67 -18.12 -5.72
N GLU B 392 -14.91 -18.07 -4.40
CA GLU B 392 -13.81 -17.88 -3.45
C GLU B 392 -12.86 -19.06 -3.47
N SER B 393 -13.41 -20.28 -3.56
CA SER B 393 -12.57 -21.47 -3.62
C SER B 393 -11.70 -21.47 -4.86
N ASP B 394 -12.21 -20.95 -5.98
CA ASP B 394 -11.40 -20.84 -7.19
C ASP B 394 -10.19 -19.95 -6.95
N MSE B 395 -10.41 -18.79 -6.34
CA MSE B 395 -9.33 -17.85 -6.04
C MSE B 395 -8.31 -18.47 -5.10
O MSE B 395 -7.10 -18.29 -5.25
CB MSE B 395 -9.87 -16.56 -5.43
CG MSE B 395 -11.11 -16.03 -6.08
SE MSE B 395 -10.66 -15.15 -7.74
CE MSE B 395 -11.45 -13.41 -7.40
N ASP B 396 -8.81 -19.21 -4.10
CA ASP B 396 -7.90 -19.83 -3.15
C ASP B 396 -7.06 -20.91 -3.81
N SER B 397 -7.65 -21.68 -4.72
CA SER B 397 -6.89 -22.67 -5.46
C SER B 397 -5.85 -22.00 -6.36
N VAL B 398 -6.22 -20.90 -7.01
CA VAL B 398 -5.27 -20.16 -7.84
C VAL B 398 -4.09 -19.69 -7.01
N LYS B 399 -4.37 -19.10 -5.85
CA LYS B 399 -3.30 -18.56 -5.03
C LYS B 399 -2.44 -19.67 -4.44
N LYS B 400 -3.05 -20.81 -4.13
CA LYS B 400 -2.25 -21.91 -3.59
C LYS B 400 -1.37 -22.53 -4.68
N GLU B 401 -1.85 -22.56 -5.93
CA GLU B 401 -1.04 -23.04 -7.03
C GLU B 401 0.13 -22.09 -7.32
N TYR B 402 -0.13 -20.79 -7.33
CA TYR B 402 0.95 -19.83 -7.55
C TYR B 402 1.98 -19.91 -6.43
N LYS B 403 1.52 -20.00 -5.18
CA LYS B 403 2.46 -20.08 -4.06
C LYS B 403 3.20 -21.42 -4.07
N GLU B 404 2.57 -22.47 -4.59
CA GLU B 404 3.25 -23.74 -4.79
C GLU B 404 4.44 -23.58 -5.74
N PHE B 405 4.22 -22.87 -6.85
CA PHE B 405 5.31 -22.60 -7.78
C PHE B 405 6.41 -21.75 -7.13
N THR B 406 6.00 -20.67 -6.45
CA THR B 406 7.02 -19.78 -5.87
C THR B 406 7.79 -20.46 -4.75
N LYS B 407 7.15 -21.34 -3.98
CA LYS B 407 7.86 -22.10 -2.96
C LYS B 407 8.84 -23.07 -3.59
N HIS B 408 8.45 -23.71 -4.70
CA HIS B 408 9.39 -24.58 -5.39
C HIS B 408 10.63 -23.82 -5.85
N MSE B 409 10.43 -22.66 -6.47
CA MSE B 409 11.50 -21.78 -6.97
C MSE B 409 12.44 -21.38 -5.84
O MSE B 409 13.68 -21.40 -5.96
CB MSE B 409 10.90 -20.50 -7.54
CG MSE B 409 11.74 -19.81 -8.57
SE MSE B 409 10.71 -18.52 -9.60
CE MSE B 409 11.91 -17.00 -9.47
N ARG B 410 11.83 -20.97 -4.72
CA ARG B 410 12.57 -20.45 -3.59
C ARG B 410 13.40 -21.54 -2.94
N VAL B 411 12.79 -22.72 -2.74
CA VAL B 411 13.52 -23.84 -2.13
C VAL B 411 14.66 -24.27 -3.04
N GLU B 412 14.42 -24.30 -4.35
CA GLU B 412 15.47 -24.66 -5.29
C GLU B 412 16.64 -23.69 -5.18
N LYS B 413 16.34 -22.38 -5.14
CA LYS B 413 17.43 -21.41 -5.09
C LYS B 413 18.18 -21.46 -3.78
N VAL B 414 17.46 -21.68 -2.66
CA VAL B 414 18.13 -21.75 -1.37
C VAL B 414 19.02 -22.97 -1.29
N ASN B 415 18.54 -24.12 -1.78
CA ASN B 415 19.37 -25.31 -1.79
C ASN B 415 20.57 -25.16 -2.71
N GLU B 416 20.38 -24.49 -3.86
CA GLU B 416 21.51 -24.22 -4.74
C GLU B 416 22.55 -23.33 -4.06
N LEU B 417 22.09 -22.30 -3.34
CA LEU B 417 23.01 -21.41 -2.63
C LEU B 417 23.74 -22.14 -1.53
N ALA B 418 23.04 -22.99 -0.78
CA ALA B 418 23.68 -23.78 0.27
C ALA B 418 24.73 -24.71 -0.32
N LYS B 419 24.38 -25.40 -1.42
CA LYS B 419 25.32 -26.31 -2.06
C LYS B 419 26.55 -25.57 -2.58
N ALA B 420 26.35 -24.42 -3.24
CA ALA B 420 27.47 -23.66 -3.76
C ALA B 420 28.35 -23.13 -2.63
N LEU B 421 27.73 -22.71 -1.52
CA LEU B 421 28.51 -22.24 -0.38
C LEU B 421 29.34 -23.38 0.22
N LYS B 422 28.76 -24.58 0.31
CA LYS B 422 29.52 -25.71 0.85
C LYS B 422 30.65 -26.11 -0.09
N GLU B 423 30.39 -26.16 -1.41
CA GLU B 423 31.40 -26.54 -2.39
C GLU B 423 32.40 -25.44 -2.70
N ASN B 424 32.29 -24.27 -2.05
CA ASN B 424 33.35 -23.28 -2.05
C ASN B 424 33.19 -22.43 -0.80
N PRO B 425 33.63 -22.94 0.36
CA PRO B 425 33.31 -22.29 1.63
C PRO B 425 34.06 -20.99 1.88
N GLN B 426 35.06 -20.65 1.08
CA GLN B 426 35.86 -19.44 1.29
C GLN B 426 35.43 -18.27 0.42
N ASP B 427 34.40 -18.44 -0.41
CA ASP B 427 34.00 -17.35 -1.30
C ASP B 427 33.37 -16.23 -0.49
N PRO B 428 33.81 -14.98 -0.68
CA PRO B 428 33.18 -13.88 0.07
C PRO B 428 31.75 -13.61 -0.35
N ASP B 429 31.47 -13.65 -1.67
CA ASP B 429 30.14 -13.30 -2.15
C ASP B 429 29.10 -14.31 -1.69
N LEU B 430 29.40 -15.62 -1.76
CA LEU B 430 28.43 -16.61 -1.34
C LEU B 430 28.16 -16.52 0.16
N ASN B 431 29.22 -16.36 0.95
CA ASN B 431 29.04 -16.24 2.40
C ASN B 431 28.22 -15.00 2.74
N ASN B 432 28.50 -13.86 2.10
CA ASN B 432 27.75 -12.67 2.41
C ASN B 432 26.31 -12.78 1.93
N LEU B 433 26.08 -13.47 0.80
CA LEU B 433 24.71 -13.69 0.33
C LEU B 433 23.93 -14.52 1.33
N THR B 434 24.53 -15.59 1.85
CA THR B 434 23.86 -16.42 2.83
C THR B 434 23.57 -15.64 4.12
N LYS B 435 24.59 -14.92 4.61
CA LYS B 435 24.41 -14.11 5.81
C LYS B 435 23.30 -13.08 5.61
N GLU B 436 23.29 -12.42 4.44
CA GLU B 436 22.32 -11.36 4.22
C GLU B 436 20.91 -11.92 4.03
N TYR B 437 20.78 -13.12 3.47
CA TYR B 437 19.46 -13.73 3.45
C TYR B 437 18.98 -14.04 4.86
N LEU B 438 19.87 -14.57 5.70
CA LEU B 438 19.48 -14.83 7.09
C LEU B 438 19.09 -13.54 7.80
N LYS B 439 19.77 -12.44 7.48
CA LYS B 439 19.54 -11.19 8.21
C LYS B 439 18.33 -10.42 7.69
N GLN B 440 17.98 -10.57 6.41
CA GLN B 440 16.88 -9.82 5.83
C GLN B 440 15.57 -10.59 5.77
N HIS B 441 15.58 -11.87 6.10
CA HIS B 441 14.36 -12.67 6.13
C HIS B 441 14.29 -13.44 7.45
N PRO B 442 14.17 -12.73 8.56
CA PRO B 442 14.14 -13.43 9.86
C PRO B 442 12.86 -14.19 10.11
N ASN B 443 11.75 -13.80 9.48
CA ASN B 443 10.47 -14.46 9.67
C ASN B 443 10.18 -15.47 8.56
N ALA B 444 11.22 -15.93 7.86
CA ALA B 444 11.04 -16.98 6.87
C ALA B 444 10.78 -18.32 7.56
N ASP B 445 10.41 -19.30 6.74
CA ASP B 445 10.14 -20.65 7.24
C ASP B 445 11.42 -21.23 7.83
N PRO B 446 11.41 -21.71 9.07
CA PRO B 446 12.66 -22.13 9.72
C PRO B 446 13.44 -23.21 9.00
N LYS B 447 12.85 -23.98 8.07
CA LYS B 447 13.61 -25.09 7.52
C LYS B 447 14.59 -24.63 6.45
N LEU B 448 14.25 -23.58 5.70
CA LEU B 448 15.22 -22.98 4.78
C LEU B 448 16.29 -22.22 5.56
N LYS B 449 15.86 -21.55 6.64
CA LYS B 449 16.81 -20.89 7.52
C LYS B 449 17.83 -21.89 8.06
N GLN B 450 17.36 -23.06 8.48
CA GLN B 450 18.24 -24.10 9.00
C GLN B 450 19.16 -24.64 7.91
N THR B 451 18.64 -24.87 6.72
CA THR B 451 19.47 -25.32 5.61
C THR B 451 20.66 -24.38 5.43
N LEU B 452 20.39 -23.08 5.35
CA LEU B 452 21.49 -22.16 5.10
C LEU B 452 22.33 -21.90 6.36
N GLU B 453 21.76 -22.10 7.55
CA GLU B 453 22.55 -21.97 8.77
C GLU B 453 23.59 -23.08 8.88
N THR B 454 23.21 -24.32 8.58
CA THR B 454 24.22 -25.38 8.62
C THR B 454 25.18 -25.27 7.45
N ALA B 455 24.72 -24.77 6.30
CA ALA B 455 25.67 -24.46 5.23
C ALA B 455 26.72 -23.46 5.71
N LEU B 456 26.29 -22.43 6.44
CA LEU B 456 27.23 -21.43 6.96
C LEU B 456 28.17 -22.05 8.00
N LYS B 457 27.66 -22.92 8.87
CA LYS B 457 28.50 -23.52 9.90
C LYS B 457 29.57 -24.43 9.29
N GLN B 458 29.22 -25.11 8.20
CA GLN B 458 30.23 -25.86 7.46
C GLN B 458 31.21 -24.93 6.77
N ALA B 459 30.71 -23.82 6.22
CA ALA B 459 31.57 -22.84 5.57
C ALA B 459 32.63 -22.28 6.51
N SER B 460 32.29 -22.10 7.79
CA SER B 460 33.30 -21.61 8.72
C SER B 460 34.37 -22.66 9.01
N GLU B 461 34.00 -23.93 9.01
CA GLU B 461 34.92 -25.01 9.35
C GLU B 461 35.78 -25.40 8.14
N SER B 462 36.67 -24.48 7.78
CA SER B 462 37.78 -24.84 6.88
C SER B 462 39.07 -24.07 7.11
N SER B 463 39.85 -23.96 6.04
CA SER B 463 41.30 -23.78 6.12
C SER B 463 41.86 -24.75 7.15
C TRS C . -5.97 11.74 22.78
C1 TRS C . -5.35 10.44 23.30
C2 TRS C . -7.45 11.75 23.14
C3 TRS C . -5.79 11.85 21.27
N TRS C . -5.31 12.87 23.44
O1 TRS C . -4.43 9.96 22.33
O2 TRS C . -7.63 11.41 24.50
O3 TRS C . -4.41 11.82 20.94
C TRS D . -8.08 14.08 19.04
C1 TRS D . -8.75 12.80 18.56
C2 TRS D . -8.78 15.28 18.39
C3 TRS D . -6.61 14.12 18.65
N TRS D . -8.19 14.18 20.50
O1 TRS D . -7.80 11.78 18.37
O2 TRS D . -8.68 15.13 17.00
O3 TRS D . -6.06 15.35 19.10
C1 PEG E . -11.10 6.17 1.84
O1 PEG E . -10.52 7.23 1.13
C2 PEG E . -12.23 6.70 2.72
O2 PEG E . -13.49 6.50 2.12
C3 PEG E . -14.44 5.88 2.94
C4 PEG E . -15.66 6.78 3.13
O4 PEG E . -16.74 6.07 3.69
C1 PEG F . -35.95 -8.07 9.50
O1 PEG F . -37.34 -8.08 9.71
C2 PEG F . -35.60 -7.45 8.14
O2 PEG F . -34.25 -7.67 7.86
C3 PEG F . -33.99 -8.85 7.14
C4 PEG F . -34.86 -8.94 5.90
O4 PEG F . -34.74 -10.21 5.32
CL CL G . -21.04 -6.57 18.66
C1 PEG H . 8.25 -13.34 -3.08
O1 PEG H . 9.56 -13.71 -2.72
C2 PEG H . 8.22 -11.89 -3.58
O2 PEG H . 8.78 -11.81 -4.87
C3 PEG H . 9.86 -10.91 -4.97
C4 PEG H . 11.20 -11.66 -5.06
O4 PEG H . 11.35 -12.23 -6.34
C1 PEG I . -0.07 -1.20 -12.91
O1 PEG I . 0.92 -1.57 -11.98
C2 PEG I . -0.08 0.30 -13.21
O2 PEG I . -1.31 0.67 -13.79
C3 PEG I . -1.83 -0.19 -14.78
C4 PEG I . -3.35 -0.06 -14.82
O4 PEG I . -3.76 0.39 -16.09
C1 PEG J . 1.23 -4.83 -0.88
O1 PEG J . 1.01 -6.20 -1.08
C2 PEG J . 1.56 -4.52 0.58
O2 PEG J . 1.76 -3.14 0.72
C3 PEG J . 0.65 -2.41 1.15
C4 PEG J . 0.91 -0.93 0.89
O4 PEG J . 0.53 -0.59 -0.42
CL CL K . 10.10 6.38 -17.96
#